data_7B0F
#
_entry.id   7B0F
#
_cell.length_a   164.490
_cell.length_b   111.920
_cell.length_c   74.100
_cell.angle_alpha   90.000
_cell.angle_beta   110.390
_cell.angle_gamma   90.000
#
_symmetry.space_group_name_H-M   'C 1 2 1'
#
loop_
_entity.id
_entity.type
_entity.pdbx_description
1 polymer 'DNA polymerase'
2 polymer "DNA (5'-D(P*CP*GP*CP*AP*TP*T)-3')"
3 polymer "DNA (5'-D(P*AP*AP*CP*GP*GP*CP*TP*AP*AP*TP*GP*CP*G)-3')"
4 non-polymer "THYMIDINE-5'-TRIPHOSPHATE"
5 water water
#
loop_
_entity_poly.entity_id
_entity_poly.type
_entity_poly.pdbx_seq_one_letter_code
_entity_poly.pdbx_strand_id
1 'polypeptide(L)'
;MILDTDYITEDGKPVIRIFKKENGEFKIDYDRNFEPYIYALLKDDSAIEDVKKITAERHGTTVRVVRAEKVKKKFLGRPI
EVWKLYFTHPQDQPAIRDKIKEHPAVVDIYEYDIPFAKRYLIDKGLIPMEGDEELKMLAFAIATLYHEGEEFAEGPILMI
SYADEEGARVITWKNIDLPYVDVVSTEKEMIKRFLKVVKEKDPDVLITYNGDNFDFAYLKKRSEKLGVKFILGREGSEPK
IQRMGDRFAVEVKGRIHFDLYPVIRRTINLPTYTLEAVYEAIFGQPKEKVYAEEIAQAWETGEGLERVARYSMEDAKVTY
ELGKEFFPMEAQLSRLVGQSLWDVSRSSTGNLVEWFLLRKAYERNELAPNKPDERELARRRESYAGGYVKEPERGLWENI
VYLDFRSLYPSIIITHNVSPDTLNREGCEEYDVAPQVGHKFCKDFPGFIPSLLGDLLEERQKVKKKMKATIDPIEKKLLD
YRQRLIKILANSFYGYYGYAKARWYCKECAESVTAWGRQYIETTIREIEEKFGFKVLYADTDGFFATIPGADAETVKKKA
KEFLDYINAKLPGLLELEYEGFYKRGFFATKKKYAVIDEEDKITTRGLKMVRRDWSEIAKETQARVLEAILKHGDVEEAV
RIVKEVTEKLSKYEVPPEQLVIYQPITKQLHDYRARGPHVSVAKRLAARGIKIRPGTVISYIVPKGSGRIGDRAIPFDEF
DPAKHKYDAGYYIENQVLPAVERILRAFGYRKEDLRYQKTRQVGLGAWLKPKT
;
A
2 'polydeoxyribonucleotide' (DC)(DG)(DC)(DA)(DT)(DT) B
3 'polydeoxyribonucleotide' (DA)(DA)(DC)(DG)(DG)(DC)(DT)(DA)(DA)(DT)(DG)(DC)(DG) C
#
# COMPACT_ATOMS: atom_id res chain seq x y z
N MET A 1 26.49 -3.48 -4.40
CA MET A 1 25.38 -3.35 -3.46
C MET A 1 24.79 -4.70 -3.08
N ILE A 2 24.11 -4.75 -1.93
CA ILE A 2 23.46 -5.96 -1.46
C ILE A 2 22.08 -6.11 -2.06
N LEU A 3 21.81 -7.25 -2.66
CA LEU A 3 20.52 -7.51 -3.27
C LEU A 3 19.60 -8.21 -2.25
N ASP A 4 20.09 -9.28 -1.64
CA ASP A 4 19.31 -10.10 -0.70
C ASP A 4 20.25 -11.00 0.13
N THR A 5 19.72 -11.67 1.15
CA THR A 5 20.46 -12.65 1.96
C THR A 5 19.57 -13.86 2.25
N ASP A 6 20.19 -15.01 2.43
CA ASP A 6 19.50 -16.22 2.83
C ASP A 6 20.51 -17.14 3.55
N TYR A 7 20.12 -18.37 3.86
CA TYR A 7 21.04 -19.32 4.44
C TYR A 7 20.81 -20.71 3.90
N ILE A 8 21.87 -21.48 3.79
CA ILE A 8 21.82 -22.88 3.45
C ILE A 8 22.44 -23.64 4.63
N THR A 9 22.20 -24.95 4.73
CA THR A 9 22.74 -25.74 5.83
C THR A 9 23.85 -26.64 5.33
N GLU A 10 25.01 -26.61 5.99
CA GLU A 10 26.14 -27.46 5.62
C GLU A 10 26.56 -28.19 6.88
N ASP A 11 26.35 -29.52 6.93
CA ASP A 11 26.70 -30.35 8.07
C ASP A 11 26.02 -29.89 9.34
N GLY A 12 24.77 -29.49 9.23
CA GLY A 12 23.98 -29.04 10.37
C GLY A 12 24.23 -27.61 10.81
N LYS A 13 25.10 -26.89 10.09
CA LYS A 13 25.42 -25.52 10.43
C LYS A 13 24.93 -24.54 9.39
N PRO A 14 24.35 -23.42 9.82
CA PRO A 14 23.84 -22.45 8.87
C PRO A 14 24.95 -21.63 8.22
N VAL A 15 24.84 -21.41 6.92
CA VAL A 15 25.80 -20.62 6.15
C VAL A 15 25.06 -19.49 5.48
N ILE A 16 25.31 -18.25 5.90
CA ILE A 16 24.65 -17.09 5.31
C ILE A 16 25.20 -16.85 3.91
N ARG A 17 24.33 -16.55 2.96
CA ARG A 17 24.73 -16.18 1.63
C ARG A 17 24.29 -14.75 1.40
N ILE A 18 25.23 -13.87 1.06
CA ILE A 18 24.94 -12.47 0.77
C ILE A 18 25.06 -12.27 -0.72
N PHE A 19 23.95 -12.04 -1.40
CA PHE A 19 23.95 -11.84 -2.84
C PHE A 19 24.25 -10.39 -3.14
N LYS A 20 25.32 -10.11 -3.87
CA LYS A 20 25.73 -8.75 -4.16
C LYS A 20 25.97 -8.49 -5.64
N LYS A 21 25.91 -7.23 -6.04
CA LYS A 21 26.20 -6.83 -7.40
C LYS A 21 27.18 -5.66 -7.30
N GLU A 22 28.47 -5.93 -7.47
CA GLU A 22 29.49 -4.89 -7.33
C GLU A 22 30.21 -4.65 -8.64
N ASN A 23 30.21 -3.41 -9.12
CA ASN A 23 30.87 -3.01 -10.38
C ASN A 23 30.46 -3.86 -11.57
N GLY A 24 29.18 -4.20 -11.65
CA GLY A 24 28.64 -5.02 -12.72
C GLY A 24 28.95 -6.49 -12.60
N GLU A 25 29.42 -6.92 -11.42
CA GLU A 25 29.78 -8.31 -11.18
C GLU A 25 28.94 -8.92 -10.08
N PHE A 26 28.28 -10.04 -10.39
CA PHE A 26 27.47 -10.74 -9.40
C PHE A 26 28.39 -11.50 -8.46
N LYS A 27 28.16 -11.37 -7.16
CA LYS A 27 29.00 -12.01 -6.16
C LYS A 27 28.19 -12.64 -5.06
N ILE A 28 28.66 -13.78 -4.55
CA ILE A 28 28.03 -14.43 -3.41
C ILE A 28 29.06 -14.50 -2.30
N ASP A 29 28.78 -13.87 -1.16
CA ASP A 29 29.67 -13.93 -0.02
C ASP A 29 29.09 -14.87 1.01
N TYR A 30 29.95 -15.66 1.65
CA TYR A 30 29.52 -16.63 2.62
C TYR A 30 29.97 -16.29 4.02
N ASP A 31 29.11 -16.55 5.00
CA ASP A 31 29.45 -16.33 6.40
C ASP A 31 29.02 -17.55 7.18
N ARG A 32 29.99 -18.32 7.69
CA ARG A 32 29.70 -19.53 8.45
C ARG A 32 29.80 -19.33 9.96
N ASN A 33 29.96 -18.08 10.43
CA ASN A 33 30.20 -17.81 11.83
C ASN A 33 29.10 -17.00 12.52
N PHE A 34 27.94 -16.81 11.87
CA PHE A 34 26.83 -16.09 12.51
C PHE A 34 26.01 -17.07 13.34
N GLU A 35 25.92 -16.83 14.64
CA GLU A 35 25.22 -17.74 15.53
C GLU A 35 23.80 -17.32 15.81
N PRO A 36 22.82 -18.20 15.62
CA PRO A 36 21.45 -17.87 16.02
C PRO A 36 21.34 -17.82 17.54
N TYR A 37 20.47 -16.93 18.05
CA TYR A 37 20.32 -16.74 19.48
C TYR A 37 18.93 -16.17 19.82
N ILE A 38 18.54 -16.31 21.09
CA ILE A 38 17.31 -15.77 21.68
C ILE A 38 17.65 -15.26 23.10
N TYR A 39 16.86 -14.35 23.68
CA TYR A 39 17.09 -13.88 25.04
C TYR A 39 16.15 -14.55 26.03
N ALA A 40 16.57 -14.67 27.28
CA ALA A 40 15.76 -15.30 28.32
C ALA A 40 15.87 -14.53 29.63
N LEU A 41 14.73 -14.18 30.22
CA LEU A 41 14.70 -13.50 31.49
C LEU A 41 14.54 -14.54 32.57
N LEU A 42 15.51 -14.63 33.48
CA LEU A 42 15.45 -15.59 34.57
C LEU A 42 15.20 -14.87 35.87
N LYS A 43 14.43 -15.51 36.76
CA LYS A 43 14.18 -14.94 38.09
C LYS A 43 15.38 -15.20 39.03
N ASP A 44 16.21 -16.21 38.71
CA ASP A 44 17.41 -16.52 39.50
C ASP A 44 18.53 -16.86 38.53
N ASP A 45 19.67 -16.17 38.69
CA ASP A 45 20.84 -16.40 37.83
C ASP A 45 21.41 -17.78 38.01
N SER A 46 21.26 -18.38 39.21
CA SER A 46 21.76 -19.73 39.49
C SER A 46 21.10 -20.80 38.61
N ALA A 47 19.88 -20.54 38.16
CA ALA A 47 19.10 -21.46 37.34
C ALA A 47 19.61 -21.60 35.91
N ILE A 48 20.55 -20.74 35.47
CA ILE A 48 21.10 -20.78 34.11
C ILE A 48 21.70 -22.14 33.76
N GLU A 49 22.27 -22.83 34.76
CA GLU A 49 22.87 -24.13 34.55
C GLU A 49 21.82 -25.21 34.25
N ASP A 50 20.61 -25.05 34.78
CA ASP A 50 19.50 -25.96 34.52
C ASP A 50 18.92 -25.68 33.11
N VAL A 51 18.88 -24.40 32.71
CA VAL A 51 18.39 -24.00 31.39
C VAL A 51 19.33 -24.46 30.29
N LYS A 52 20.64 -24.46 30.55
CA LYS A 52 21.64 -24.92 29.59
C LYS A 52 21.48 -26.41 29.25
N LYS A 53 20.96 -27.20 30.19
CA LYS A 53 20.74 -28.63 29.98
C LYS A 53 19.37 -28.98 29.37
N ILE A 54 18.59 -27.98 28.96
CA ILE A 54 17.29 -28.22 28.34
C ILE A 54 17.54 -28.72 26.92
N THR A 55 16.85 -29.81 26.54
CA THR A 55 17.02 -30.37 25.21
C THR A 55 15.67 -30.57 24.49
N ALA A 56 15.72 -30.63 23.16
CA ALA A 56 14.56 -30.89 22.32
C ALA A 56 14.98 -31.76 21.09
N GLU A 57 14.07 -32.12 20.15
CA GLU A 57 14.44 -32.90 18.98
C GLU A 57 13.69 -32.39 17.76
N ARG A 58 14.42 -32.12 16.66
CA ARG A 58 13.79 -31.65 15.44
C ARG A 58 13.31 -32.87 14.62
N HIS A 59 14.23 -33.52 13.87
CA HIS A 59 13.89 -34.67 13.06
C HIS A 59 14.94 -35.75 13.35
N GLY A 60 14.89 -36.28 14.57
CA GLY A 60 15.86 -37.28 15.01
C GLY A 60 17.06 -36.65 15.67
N THR A 61 17.49 -35.49 15.17
CA THR A 61 18.62 -34.75 15.68
C THR A 61 18.28 -34.13 17.04
N THR A 62 19.16 -34.31 18.04
CA THR A 62 18.95 -33.74 19.37
C THR A 62 19.37 -32.26 19.43
N VAL A 63 18.43 -31.39 19.78
CA VAL A 63 18.61 -29.96 19.92
C VAL A 63 19.12 -29.58 21.30
N ARG A 64 20.22 -28.82 21.35
CA ARG A 64 20.81 -28.40 22.62
C ARG A 64 21.15 -26.89 22.61
N VAL A 65 21.42 -26.32 23.80
CA VAL A 65 21.83 -24.93 23.93
C VAL A 65 23.34 -24.93 23.83
N VAL A 66 23.91 -24.26 22.82
CA VAL A 66 25.37 -24.22 22.65
C VAL A 66 26.07 -23.52 23.83
N ARG A 67 25.70 -22.27 24.09
CA ARG A 67 26.29 -21.52 25.19
C ARG A 67 25.41 -20.37 25.63
N ALA A 68 25.62 -19.86 26.84
CA ALA A 68 24.87 -18.72 27.39
C ALA A 68 25.82 -17.60 27.79
N GLU A 69 25.31 -16.37 27.79
CA GLU A 69 26.12 -15.19 28.09
C GLU A 69 25.20 -14.13 28.67
N LYS A 70 25.51 -13.58 29.85
CA LYS A 70 24.66 -12.54 30.44
C LYS A 70 25.03 -11.21 29.79
N VAL A 71 24.03 -10.48 29.26
CA VAL A 71 24.24 -9.21 28.53
C VAL A 71 23.38 -8.10 29.17
N LYS A 72 23.79 -6.84 28.98
CA LYS A 72 23.00 -5.72 29.49
C LYS A 72 22.36 -4.98 28.32
N LYS A 73 21.04 -4.87 28.35
CA LYS A 73 20.27 -4.20 27.31
C LYS A 73 19.27 -3.21 27.94
N LYS A 74 18.47 -2.54 27.14
CA LYS A 74 17.44 -1.65 27.63
C LYS A 74 16.08 -2.24 27.24
N PHE A 75 15.07 -2.12 28.08
CA PHE A 75 13.72 -2.58 27.74
C PHE A 75 12.75 -1.46 28.04
N LEU A 76 12.27 -0.79 26.97
CA LEU A 76 11.38 0.38 27.07
C LEU A 76 12.04 1.47 27.92
N GLY A 77 13.32 1.71 27.65
CA GLY A 77 14.12 2.71 28.35
C GLY A 77 14.86 2.18 29.56
N ARG A 78 14.17 1.43 30.44
CA ARG A 78 14.73 0.89 31.68
C ARG A 78 15.85 -0.11 31.41
N PRO A 79 16.95 -0.04 32.18
CA PRO A 79 18.05 -0.99 31.98
C PRO A 79 17.65 -2.41 32.41
N ILE A 80 18.18 -3.42 31.72
CA ILE A 80 17.82 -4.81 31.98
C ILE A 80 19.03 -5.74 31.78
N GLU A 81 19.06 -6.85 32.52
CA GLU A 81 20.09 -7.86 32.36
C GLU A 81 19.36 -9.12 31.95
N VAL A 82 19.68 -9.64 30.77
CA VAL A 82 19.02 -10.81 30.19
C VAL A 82 20.08 -11.84 29.73
N TRP A 83 19.69 -13.12 29.60
CA TRP A 83 20.64 -14.15 29.16
C TRP A 83 20.54 -14.41 27.67
N LYS A 84 21.64 -14.21 26.94
CA LYS A 84 21.68 -14.45 25.50
C LYS A 84 22.00 -15.94 25.30
N LEU A 85 21.03 -16.70 24.80
CA LEU A 85 21.19 -18.14 24.58
C LEU A 85 21.53 -18.43 23.12
N TYR A 86 22.71 -19.02 22.86
CA TYR A 86 23.16 -19.34 21.52
C TYR A 86 22.79 -20.76 21.11
N PHE A 87 22.60 -20.99 19.80
CA PHE A 87 22.26 -22.30 19.24
C PHE A 87 23.10 -22.62 18.00
N THR A 88 23.07 -23.89 17.54
CA THR A 88 23.83 -24.29 16.36
C THR A 88 23.12 -23.85 15.09
N HIS A 89 21.81 -24.10 14.99
CA HIS A 89 21.03 -23.82 13.81
C HIS A 89 19.77 -22.99 14.13
N PRO A 90 19.39 -22.05 13.24
CA PRO A 90 18.19 -21.24 13.49
C PRO A 90 16.91 -22.06 13.65
N GLN A 91 16.84 -23.25 13.05
CA GLN A 91 15.67 -24.12 13.20
C GLN A 91 15.57 -24.81 14.56
N ASP A 92 16.62 -24.68 15.39
CA ASP A 92 16.63 -25.18 16.76
C ASP A 92 15.71 -24.34 17.60
N GLN A 93 15.65 -23.01 17.35
CA GLN A 93 14.80 -22.07 18.07
C GLN A 93 13.33 -22.51 18.12
N PRO A 94 12.60 -22.76 17.00
CA PRO A 94 11.20 -23.19 17.13
C PRO A 94 11.02 -24.51 17.90
N ALA A 95 12.07 -25.34 17.95
CA ALA A 95 12.04 -26.65 18.60
C ALA A 95 12.24 -26.62 20.12
N ILE A 96 13.05 -25.67 20.64
CA ILE A 96 13.30 -25.59 22.08
C ILE A 96 12.67 -24.38 22.77
N ARG A 97 12.30 -23.32 22.04
CA ARG A 97 11.84 -22.09 22.68
C ARG A 97 10.66 -22.29 23.61
N ASP A 98 9.74 -23.20 23.29
CA ASP A 98 8.59 -23.45 24.14
C ASP A 98 9.02 -24.20 25.41
N LYS A 99 9.96 -25.14 25.27
CA LYS A 99 10.47 -25.90 26.41
C LYS A 99 11.30 -25.01 27.34
N ILE A 100 11.99 -23.99 26.79
CA ILE A 100 12.76 -23.07 27.60
C ILE A 100 11.82 -22.14 28.36
N LYS A 101 10.76 -21.66 27.71
CA LYS A 101 9.77 -20.79 28.35
C LYS A 101 9.03 -21.52 29.48
N GLU A 102 8.62 -22.77 29.24
CA GLU A 102 7.89 -23.55 30.23
C GLU A 102 8.73 -23.97 31.46
N HIS A 103 10.05 -23.74 31.41
CA HIS A 103 10.93 -24.05 32.53
C HIS A 103 10.58 -23.11 33.68
N PRO A 104 10.33 -23.68 34.88
CA PRO A 104 9.88 -22.86 36.02
C PRO A 104 10.67 -21.58 36.30
N ALA A 105 11.99 -21.62 36.22
CA ALA A 105 12.81 -20.45 36.50
C ALA A 105 12.87 -19.41 35.39
N VAL A 106 12.17 -19.66 34.27
CA VAL A 106 12.19 -18.72 33.16
C VAL A 106 10.95 -17.85 33.17
N VAL A 107 11.14 -16.54 33.36
CA VAL A 107 10.04 -15.59 33.37
C VAL A 107 9.46 -15.43 31.96
N ASP A 108 10.33 -15.17 30.96
CA ASP A 108 9.93 -14.96 29.58
C ASP A 108 11.14 -15.05 28.65
N ILE A 109 10.89 -15.17 27.36
CA ILE A 109 11.92 -15.21 26.32
C ILE A 109 11.66 -14.10 25.30
N TYR A 110 12.71 -13.62 24.61
CA TYR A 110 12.58 -12.51 23.67
C TYR A 110 13.34 -12.75 22.37
N GLU A 111 12.94 -12.07 21.28
CA GLU A 111 13.57 -12.14 19.95
C GLU A 111 13.85 -13.56 19.51
N TYR A 112 12.82 -14.40 19.60
CA TYR A 112 12.88 -15.82 19.30
C TYR A 112 12.27 -16.23 17.97
N ASP A 113 11.63 -15.28 17.26
CA ASP A 113 10.98 -15.56 16.00
C ASP A 113 11.41 -14.60 14.90
N ILE A 114 12.70 -14.22 14.89
CA ILE A 114 13.21 -13.32 13.87
C ILE A 114 13.98 -14.12 12.85
N PRO A 115 13.53 -14.13 11.58
CA PRO A 115 14.21 -14.93 10.54
C PRO A 115 15.71 -14.69 10.47
N PHE A 116 16.47 -15.77 10.49
CA PHE A 116 17.93 -15.75 10.48
C PHE A 116 18.57 -14.78 9.48
N ALA A 117 18.15 -14.81 8.21
CA ALA A 117 18.72 -13.94 7.17
C ALA A 117 18.42 -12.48 7.41
N LYS A 118 17.26 -12.17 7.99
CA LYS A 118 16.87 -10.80 8.30
C LYS A 118 17.58 -10.34 9.57
N ARG A 119 17.73 -11.24 10.55
CA ARG A 119 18.50 -11.01 11.78
C ARG A 119 19.95 -10.68 11.40
N TYR A 120 20.49 -11.30 10.35
CA TYR A 120 21.85 -11.06 9.87
C TYR A 120 22.01 -9.62 9.33
N LEU A 121 21.08 -9.16 8.49
CA LEU A 121 21.14 -7.82 7.89
C LEU A 121 21.10 -6.75 8.96
N ILE A 122 20.25 -6.95 9.98
CA ILE A 122 20.14 -6.00 11.08
C ILE A 122 21.40 -6.01 11.94
N ASP A 123 21.83 -7.19 12.41
CA ASP A 123 22.97 -7.33 13.31
C ASP A 123 24.28 -6.88 12.70
N LYS A 124 24.45 -7.11 11.41
CA LYS A 124 25.67 -6.70 10.73
C LYS A 124 25.65 -5.22 10.25
N GLY A 125 24.49 -4.58 10.34
CA GLY A 125 24.30 -3.21 9.88
C GLY A 125 24.32 -3.10 8.38
N LEU A 126 23.91 -4.17 7.68
CA LEU A 126 23.90 -4.21 6.23
C LEU A 126 22.58 -3.67 5.66
N ILE A 127 22.69 -2.78 4.67
CA ILE A 127 21.51 -2.19 4.04
C ILE A 127 21.43 -2.55 2.57
N PRO A 128 20.36 -3.26 2.18
CA PRO A 128 20.21 -3.63 0.76
C PRO A 128 19.89 -2.44 -0.14
N MET A 129 20.20 -2.59 -1.44
CA MET A 129 19.94 -1.58 -2.46
C MET A 129 20.61 -0.24 -2.20
N GLU A 130 21.78 -0.26 -1.56
CA GLU A 130 22.49 0.98 -1.26
C GLU A 130 23.68 1.12 -2.19
N GLY A 131 23.71 2.21 -2.94
CA GLY A 131 24.80 2.44 -3.87
C GLY A 131 24.32 2.91 -5.24
N ASP A 132 25.26 3.08 -6.16
CA ASP A 132 24.96 3.56 -7.52
C ASP A 132 25.04 2.45 -8.57
N GLU A 133 24.76 1.22 -8.17
CA GLU A 133 24.80 0.09 -9.09
C GLU A 133 23.57 0.08 -9.98
N GLU A 134 23.77 -0.17 -11.28
CA GLU A 134 22.65 -0.22 -12.22
C GLU A 134 22.23 -1.68 -12.46
N LEU A 135 20.95 -1.98 -12.20
CA LEU A 135 20.43 -3.34 -12.35
C LEU A 135 19.82 -3.57 -13.72
N LYS A 136 20.12 -4.72 -14.33
CA LYS A 136 19.58 -5.10 -15.63
C LYS A 136 18.26 -5.83 -15.40
N MET A 137 17.19 -5.38 -16.04
CA MET A 137 15.87 -5.97 -15.83
C MET A 137 15.31 -6.68 -17.04
N LEU A 138 14.49 -7.70 -16.81
CA LEU A 138 13.84 -8.43 -17.90
C LEU A 138 12.45 -8.84 -17.47
N ALA A 139 11.43 -8.47 -18.24
CA ALA A 139 10.06 -8.86 -17.94
C ALA A 139 9.68 -10.08 -18.76
N PHE A 140 8.70 -10.87 -18.28
CA PHE A 140 8.23 -12.01 -19.04
C PHE A 140 6.76 -12.35 -18.73
N ALA A 141 6.11 -13.07 -19.67
CA ALA A 141 4.70 -13.49 -19.55
C ALA A 141 4.45 -14.76 -20.36
N ILE A 142 3.38 -15.51 -20.03
CA ILE A 142 3.05 -16.73 -20.76
C ILE A 142 1.59 -16.74 -21.22
N ALA A 143 1.29 -17.53 -22.26
CA ALA A 143 -0.06 -17.74 -22.77
C ALA A 143 -0.32 -19.25 -22.74
N THR A 144 -1.50 -19.70 -22.28
CA THR A 144 -1.77 -21.13 -22.10
C THR A 144 -3.04 -21.65 -22.80
N LEU A 145 -3.13 -23.00 -22.98
CA LEU A 145 -4.29 -23.65 -23.56
C LEU A 145 -5.22 -24.02 -22.43
N TYR A 146 -6.42 -23.44 -22.39
CA TYR A 146 -7.36 -23.71 -21.31
C TYR A 146 -8.65 -24.36 -21.77
N HIS A 147 -9.11 -25.37 -21.00
CA HIS A 147 -10.38 -26.07 -21.18
C HIS A 147 -11.08 -26.02 -19.80
N GLU A 148 -12.41 -25.80 -19.78
CA GLU A 148 -13.17 -25.56 -18.55
C GLU A 148 -12.99 -26.55 -17.37
N GLY A 149 -13.06 -27.85 -17.62
CA GLY A 149 -12.95 -28.83 -16.54
C GLY A 149 -11.62 -29.53 -16.37
N GLU A 150 -10.51 -28.77 -16.47
CA GLU A 150 -9.20 -29.38 -16.33
C GLU A 150 -8.40 -28.86 -15.13
N GLU A 151 -7.44 -29.67 -14.66
CA GLU A 151 -6.57 -29.36 -13.54
C GLU A 151 -5.60 -28.22 -13.87
N PHE A 152 -4.85 -27.74 -12.87
CA PHE A 152 -3.87 -26.68 -13.09
C PHE A 152 -2.75 -27.21 -13.95
N ALA A 153 -2.39 -26.45 -14.98
CA ALA A 153 -1.33 -26.76 -15.94
C ALA A 153 -1.53 -28.08 -16.67
N GLU A 154 -2.77 -28.49 -16.85
CA GLU A 154 -3.08 -29.70 -17.62
C GLU A 154 -2.91 -29.42 -19.13
N GLY A 155 -3.14 -28.17 -19.55
CA GLY A 155 -2.93 -27.75 -20.92
C GLY A 155 -1.53 -27.18 -21.09
N PRO A 156 -0.94 -27.33 -22.27
CA PRO A 156 0.42 -26.83 -22.48
C PRO A 156 0.55 -25.31 -22.55
N ILE A 157 1.76 -24.81 -22.40
CA ILE A 157 2.04 -23.39 -22.56
C ILE A 157 2.13 -23.17 -24.06
N LEU A 158 1.36 -22.21 -24.58
CA LEU A 158 1.35 -21.93 -26.01
C LEU A 158 2.46 -20.97 -26.39
N MET A 159 2.69 -19.93 -25.57
CA MET A 159 3.70 -18.91 -25.86
C MET A 159 4.39 -18.38 -24.61
N ILE A 160 5.65 -17.96 -24.74
CA ILE A 160 6.41 -17.32 -23.68
C ILE A 160 6.99 -16.03 -24.26
N SER A 161 6.63 -14.87 -23.70
CA SER A 161 7.16 -13.60 -24.19
C SER A 161 8.06 -12.92 -23.18
N TYR A 162 8.98 -12.07 -23.66
CA TYR A 162 9.89 -11.35 -22.79
C TYR A 162 10.21 -9.96 -23.35
N ALA A 163 10.61 -9.02 -22.50
CA ALA A 163 10.91 -7.66 -22.94
C ALA A 163 11.92 -6.95 -22.07
N ASP A 164 12.75 -6.11 -22.70
CA ASP A 164 13.72 -5.28 -22.02
C ASP A 164 14.02 -4.02 -22.88
N GLU A 165 15.14 -3.33 -22.64
CA GLU A 165 15.52 -2.15 -23.41
C GLU A 165 15.69 -2.47 -24.90
N GLU A 166 16.06 -3.72 -25.24
CA GLU A 166 16.23 -4.14 -26.62
C GLU A 166 14.89 -4.44 -27.35
N GLY A 167 13.77 -4.38 -26.65
CA GLY A 167 12.47 -4.64 -27.25
C GLY A 167 11.76 -5.85 -26.68
N ALA A 168 10.65 -6.26 -27.30
CA ALA A 168 9.87 -7.43 -26.87
C ALA A 168 9.83 -8.53 -27.92
N ARG A 169 9.96 -9.80 -27.48
CA ARG A 169 9.91 -10.95 -28.38
C ARG A 169 8.98 -12.05 -27.85
N VAL A 170 8.49 -12.92 -28.74
CA VAL A 170 7.59 -14.01 -28.37
C VAL A 170 8.14 -15.35 -28.85
N ILE A 171 8.21 -16.34 -27.97
CA ILE A 171 8.65 -17.69 -28.34
C ILE A 171 7.41 -18.56 -28.40
N THR A 172 7.20 -19.25 -29.52
CA THR A 172 6.05 -20.14 -29.66
C THR A 172 6.40 -21.35 -30.53
N TRP A 173 5.59 -22.42 -30.46
CA TRP A 173 5.85 -23.61 -31.24
C TRP A 173 4.88 -23.81 -32.41
N LYS A 174 4.33 -22.70 -32.92
CA LYS A 174 3.49 -22.69 -34.12
C LYS A 174 3.92 -21.53 -35.00
N ASN A 175 3.74 -21.67 -36.32
CA ASN A 175 4.16 -20.64 -37.25
C ASN A 175 3.31 -19.38 -37.22
N ILE A 176 3.91 -18.27 -36.78
CA ILE A 176 3.28 -16.96 -36.77
C ILE A 176 4.22 -15.99 -37.49
N ASP A 177 3.74 -15.39 -38.59
CA ASP A 177 4.58 -14.49 -39.36
C ASP A 177 4.57 -13.06 -38.83
N LEU A 178 5.29 -12.86 -37.72
CA LEU A 178 5.52 -11.58 -37.07
C LEU A 178 7.04 -11.45 -36.84
N PRO A 179 7.59 -10.25 -37.04
CA PRO A 179 9.04 -10.06 -36.91
C PRO A 179 9.62 -10.33 -35.52
N TYR A 180 8.81 -10.16 -34.50
CA TYR A 180 9.24 -10.39 -33.12
C TYR A 180 8.92 -11.79 -32.59
N VAL A 181 8.44 -12.71 -33.44
CA VAL A 181 8.13 -14.07 -33.01
C VAL A 181 9.25 -15.03 -33.41
N ASP A 182 9.70 -15.84 -32.46
CA ASP A 182 10.69 -16.88 -32.68
C ASP A 182 9.96 -18.22 -32.62
N VAL A 183 10.01 -18.97 -33.72
CA VAL A 183 9.28 -20.22 -33.80
C VAL A 183 10.18 -21.45 -33.58
N VAL A 184 9.83 -22.26 -32.57
CA VAL A 184 10.51 -23.51 -32.23
C VAL A 184 9.60 -24.70 -32.57
N SER A 185 10.12 -25.93 -32.46
CA SER A 185 9.35 -27.12 -32.84
C SER A 185 8.31 -27.57 -31.82
N THR A 186 8.64 -27.51 -30.53
CA THR A 186 7.71 -28.00 -29.50
C THR A 186 7.67 -27.09 -28.27
N GLU A 187 6.74 -27.36 -27.35
CA GLU A 187 6.61 -26.65 -26.10
C GLU A 187 7.89 -26.82 -25.26
N LYS A 188 8.47 -28.02 -25.27
CA LYS A 188 9.71 -28.32 -24.56
C LYS A 188 10.84 -27.43 -25.08
N GLU A 189 10.95 -27.29 -26.41
CA GLU A 189 11.97 -26.46 -27.02
C GLU A 189 11.76 -24.98 -26.69
N MET A 190 10.50 -24.57 -26.55
CA MET A 190 10.12 -23.19 -26.21
C MET A 190 10.60 -22.84 -24.80
N ILE A 191 10.37 -23.75 -23.84
CA ILE A 191 10.81 -23.54 -22.46
C ILE A 191 12.33 -23.52 -22.40
N LYS A 192 13.00 -24.47 -23.06
CA LYS A 192 14.46 -24.53 -23.11
C LYS A 192 15.04 -23.25 -23.71
N ARG A 193 14.37 -22.70 -24.74
CA ARG A 193 14.78 -21.48 -25.41
C ARG A 193 14.68 -20.30 -24.46
N PHE A 194 13.61 -20.26 -23.64
CA PHE A 194 13.43 -19.20 -22.66
C PHE A 194 14.54 -19.22 -21.62
N LEU A 195 14.93 -20.42 -21.17
CA LEU A 195 16.00 -20.57 -20.20
C LEU A 195 17.32 -20.03 -20.74
N LYS A 196 17.60 -20.24 -22.03
CA LYS A 196 18.83 -19.75 -22.66
C LYS A 196 18.82 -18.23 -22.73
N VAL A 197 17.65 -17.62 -22.99
CA VAL A 197 17.51 -16.17 -23.03
C VAL A 197 17.86 -15.57 -21.67
N VAL A 198 17.26 -16.08 -20.59
CA VAL A 198 17.53 -15.59 -19.25
C VAL A 198 18.99 -15.78 -18.87
N LYS A 199 19.56 -16.93 -19.23
CA LYS A 199 20.95 -17.21 -18.94
C LYS A 199 21.90 -16.25 -19.64
N GLU A 200 21.66 -16.00 -20.93
CA GLU A 200 22.50 -15.11 -21.73
C GLU A 200 22.33 -13.65 -21.34
N LYS A 201 21.09 -13.21 -21.14
CA LYS A 201 20.82 -11.82 -20.73
C LYS A 201 21.30 -11.58 -19.31
N ASP A 202 21.24 -12.62 -18.45
CA ASP A 202 21.64 -12.58 -17.05
C ASP A 202 21.08 -11.36 -16.30
N PRO A 203 19.74 -11.20 -16.28
CA PRO A 203 19.18 -10.04 -15.61
C PRO A 203 19.27 -10.13 -14.11
N ASP A 204 19.43 -8.99 -13.47
CA ASP A 204 19.43 -8.91 -12.03
C ASP A 204 17.98 -8.93 -11.51
N VAL A 205 17.00 -8.46 -12.31
CA VAL A 205 15.60 -8.41 -11.94
C VAL A 205 14.71 -9.11 -12.98
N LEU A 206 13.84 -10.00 -12.51
CA LEU A 206 12.86 -10.66 -13.37
C LEU A 206 11.50 -10.05 -13.01
N ILE A 207 10.87 -9.37 -13.96
CA ILE A 207 9.61 -8.67 -13.71
C ILE A 207 8.40 -9.44 -14.23
N THR A 208 7.41 -9.68 -13.38
CA THR A 208 6.19 -10.37 -13.81
C THR A 208 4.93 -9.61 -13.33
N TYR A 209 3.75 -10.01 -13.81
CA TYR A 209 2.50 -9.51 -13.30
C TYR A 209 1.73 -10.75 -12.87
N ASN A 210 1.65 -10.96 -11.57
CA ASN A 210 1.06 -12.13 -10.93
C ASN A 210 1.89 -13.40 -11.14
N GLY A 211 3.19 -13.26 -11.31
CA GLY A 211 4.10 -14.39 -11.45
C GLY A 211 4.20 -15.20 -10.19
N ASP A 212 3.91 -14.59 -9.03
CA ASP A 212 3.92 -15.27 -7.74
C ASP A 212 2.85 -16.35 -7.65
N ASN A 213 1.71 -16.16 -8.32
CA ASN A 213 0.61 -17.12 -8.20
C ASN A 213 0.20 -17.83 -9.46
N PHE A 214 0.88 -17.58 -10.59
CA PHE A 214 0.49 -18.21 -11.83
C PHE A 214 1.66 -18.66 -12.69
N ASP A 215 2.38 -17.72 -13.28
CA ASP A 215 3.42 -17.93 -14.27
C ASP A 215 4.46 -18.97 -13.84
N PHE A 216 5.10 -18.75 -12.68
CA PHE A 216 6.14 -19.66 -12.18
C PHE A 216 5.60 -21.03 -11.84
N ALA A 217 4.40 -21.09 -11.26
CA ALA A 217 3.78 -22.36 -10.91
C ALA A 217 3.43 -23.16 -12.16
N TYR A 218 2.97 -22.49 -13.22
CA TYR A 218 2.59 -23.13 -14.48
C TYR A 218 3.84 -23.66 -15.17
N LEU A 219 4.90 -22.85 -15.23
CA LEU A 219 6.15 -23.26 -15.84
C LEU A 219 6.76 -24.45 -15.11
N LYS A 220 6.66 -24.45 -13.77
CA LYS A 220 7.20 -25.54 -12.96
C LYS A 220 6.51 -26.86 -13.25
N LYS A 221 5.17 -26.87 -13.27
CA LYS A 221 4.42 -28.10 -13.54
C LYS A 221 4.69 -28.62 -14.95
N ARG A 222 4.87 -27.70 -15.91
CA ARG A 222 5.13 -28.05 -17.29
C ARG A 222 6.51 -28.61 -17.51
N SER A 223 7.51 -28.04 -16.84
CA SER A 223 8.88 -28.54 -16.94
C SER A 223 8.99 -29.92 -16.29
N GLU A 224 8.21 -30.18 -15.23
CA GLU A 224 8.18 -31.49 -14.58
C GLU A 224 7.53 -32.51 -15.54
N LYS A 225 6.44 -32.10 -16.20
CA LYS A 225 5.70 -32.92 -17.14
C LYS A 225 6.55 -33.30 -18.34
N LEU A 226 7.37 -32.35 -18.83
CA LEU A 226 8.20 -32.57 -20.02
C LEU A 226 9.65 -33.00 -19.76
N GLY A 227 10.07 -33.00 -18.51
CA GLY A 227 11.43 -33.39 -18.17
C GLY A 227 12.45 -32.35 -18.55
N VAL A 228 12.27 -31.12 -18.04
CA VAL A 228 13.17 -29.99 -18.27
C VAL A 228 13.66 -29.46 -16.90
N LYS A 229 14.96 -29.22 -16.76
CA LYS A 229 15.51 -28.67 -15.51
C LYS A 229 15.27 -27.17 -15.53
N PHE A 230 14.26 -26.68 -14.79
CA PHE A 230 13.95 -25.25 -14.76
C PHE A 230 14.90 -24.42 -13.92
N ILE A 231 16.17 -24.36 -14.32
CA ILE A 231 17.22 -23.64 -13.64
C ILE A 231 17.20 -22.15 -14.06
N LEU A 232 16.53 -21.32 -13.27
CA LEU A 232 16.49 -19.88 -13.50
C LEU A 232 17.48 -19.14 -12.59
N GLY A 233 17.77 -19.70 -11.42
CA GLY A 233 18.66 -19.10 -10.44
C GLY A 233 20.09 -18.97 -10.90
N ARG A 234 20.77 -17.93 -10.42
CA ARG A 234 22.16 -17.70 -10.76
C ARG A 234 23.12 -18.74 -10.17
N GLU A 235 22.65 -19.54 -9.21
CA GLU A 235 23.47 -20.60 -8.64
C GLU A 235 22.98 -22.01 -9.13
N GLY A 236 22.29 -22.05 -10.25
CA GLY A 236 21.78 -23.27 -10.83
C GLY A 236 20.55 -23.82 -10.15
N SER A 237 19.85 -23.00 -9.39
CA SER A 237 18.67 -23.43 -8.67
C SER A 237 17.37 -23.17 -9.45
N GLU A 238 16.32 -23.89 -9.09
CA GLU A 238 14.99 -23.68 -9.64
C GLU A 238 14.30 -22.63 -8.77
N PRO A 239 13.31 -21.90 -9.32
CA PRO A 239 12.59 -20.91 -8.51
C PRO A 239 11.96 -21.50 -7.25
N LYS A 240 12.19 -20.86 -6.11
CA LYS A 240 11.65 -21.34 -4.84
C LYS A 240 10.24 -20.81 -4.63
N ILE A 241 9.26 -21.71 -4.46
CA ILE A 241 7.88 -21.28 -4.21
C ILE A 241 7.54 -21.39 -2.74
N GLN A 242 7.08 -20.29 -2.15
CA GLN A 242 6.74 -20.21 -0.74
C GLN A 242 5.27 -19.90 -0.51
N ARG A 243 4.77 -20.20 0.69
CA ARG A 243 3.38 -19.93 1.05
C ARG A 243 3.30 -18.64 1.85
N MET A 244 2.56 -17.66 1.35
CA MET A 244 2.34 -16.40 2.06
C MET A 244 0.86 -16.29 2.40
N GLY A 245 0.47 -16.93 3.51
CA GLY A 245 -0.91 -16.96 3.96
C GLY A 245 -1.80 -17.76 3.02
N ASP A 246 -2.78 -17.09 2.41
CA ASP A 246 -3.69 -17.74 1.46
C ASP A 246 -3.18 -17.69 0.01
N ARG A 247 -2.03 -17.06 -0.23
CA ARG A 247 -1.45 -16.92 -1.56
C ARG A 247 -0.03 -17.55 -1.62
N PHE A 248 0.70 -17.34 -2.72
CA PHE A 248 2.05 -17.83 -2.88
C PHE A 248 3.03 -16.71 -3.24
N ALA A 249 4.33 -16.98 -3.15
CA ALA A 249 5.39 -16.04 -3.51
C ALA A 249 6.56 -16.81 -4.07
N VAL A 250 7.23 -16.28 -5.09
CA VAL A 250 8.33 -16.98 -5.74
C VAL A 250 9.62 -16.18 -5.74
N GLU A 251 10.71 -16.80 -5.32
CA GLU A 251 11.99 -16.12 -5.40
C GLU A 251 12.94 -16.85 -6.32
N VAL A 252 13.67 -16.09 -7.15
CA VAL A 252 14.65 -16.67 -8.04
C VAL A 252 16.01 -16.29 -7.49
N LYS A 253 16.68 -17.27 -6.88
CA LYS A 253 17.97 -17.08 -6.23
C LYS A 253 19.03 -16.44 -7.11
N GLY A 254 19.66 -15.41 -6.58
CA GLY A 254 20.68 -14.68 -7.32
C GLY A 254 20.13 -13.45 -8.03
N ARG A 255 18.82 -13.43 -8.25
CA ARG A 255 18.16 -12.31 -8.89
C ARG A 255 16.98 -11.79 -8.00
N ILE A 256 16.23 -10.81 -8.49
CA ILE A 256 15.10 -10.26 -7.75
C ILE A 256 13.84 -10.50 -8.56
N HIS A 257 12.94 -11.37 -8.09
CA HIS A 257 11.67 -11.56 -8.78
C HIS A 257 10.78 -10.42 -8.32
N PHE A 258 10.54 -9.48 -9.20
CA PHE A 258 9.70 -8.34 -8.91
C PHE A 258 8.31 -8.55 -9.49
N ASP A 259 7.38 -9.00 -8.64
CA ASP A 259 6.00 -9.18 -9.08
C ASP A 259 5.28 -7.86 -8.87
N LEU A 260 4.86 -7.24 -9.96
CA LEU A 260 4.17 -5.96 -9.94
C LEU A 260 2.79 -6.02 -9.30
N TYR A 261 2.15 -7.19 -9.30
CA TYR A 261 0.78 -7.33 -8.80
C TYR A 261 0.60 -6.89 -7.35
N PRO A 262 1.34 -7.40 -6.35
CA PRO A 262 1.14 -6.93 -4.98
C PRO A 262 1.52 -5.46 -4.81
N VAL A 263 2.53 -4.99 -5.55
CA VAL A 263 2.98 -3.60 -5.49
C VAL A 263 1.87 -2.63 -5.89
N ILE A 264 1.34 -2.78 -7.12
CA ILE A 264 0.29 -1.92 -7.66
C ILE A 264 -1.01 -2.05 -6.86
N ARG A 265 -1.27 -3.24 -6.32
CA ARG A 265 -2.44 -3.50 -5.48
C ARG A 265 -2.46 -2.56 -4.25
N ARG A 266 -1.28 -2.20 -3.72
CA ARG A 266 -1.20 -1.32 -2.55
C ARG A 266 -1.03 0.14 -2.94
N THR A 267 -0.29 0.41 -4.01
CA THR A 267 0.00 1.77 -4.45
C THR A 267 -1.23 2.56 -4.92
N ILE A 268 -1.99 2.01 -5.87
CA ILE A 268 -3.15 2.72 -6.43
C ILE A 268 -4.47 1.99 -6.23
N ASN A 269 -5.58 2.74 -6.28
CA ASN A 269 -6.92 2.20 -6.11
C ASN A 269 -7.66 2.15 -7.45
N LEU A 270 -7.95 0.94 -7.91
CA LEU A 270 -8.65 0.73 -9.17
C LEU A 270 -9.84 -0.22 -8.96
N PRO A 271 -10.87 -0.14 -9.83
CA PRO A 271 -11.99 -1.09 -9.70
C PRO A 271 -11.52 -2.53 -9.94
N THR A 272 -10.69 -2.76 -10.97
CA THR A 272 -10.11 -4.08 -11.26
C THR A 272 -8.60 -3.98 -11.39
N TYR A 273 -7.90 -5.10 -11.17
CA TYR A 273 -6.44 -5.10 -11.26
C TYR A 273 -5.92 -5.98 -12.37
N THR A 274 -6.63 -6.02 -13.50
CA THR A 274 -6.15 -6.75 -14.67
C THR A 274 -4.97 -5.95 -15.25
N LEU A 275 -4.06 -6.62 -15.95
CA LEU A 275 -2.91 -5.96 -16.54
C LEU A 275 -3.31 -4.82 -17.49
N GLU A 276 -4.46 -4.98 -18.15
CA GLU A 276 -5.00 -4.00 -19.10
C GLU A 276 -5.49 -2.75 -18.37
N ALA A 277 -6.23 -2.92 -17.27
CA ALA A 277 -6.75 -1.78 -16.51
C ALA A 277 -5.62 -1.00 -15.86
N VAL A 278 -4.64 -1.71 -15.28
CA VAL A 278 -3.49 -1.11 -14.63
C VAL A 278 -2.67 -0.27 -15.59
N TYR A 279 -2.34 -0.82 -16.76
CA TYR A 279 -1.55 -0.11 -17.75
C TYR A 279 -2.27 1.13 -18.25
N GLU A 280 -3.59 1.02 -18.50
CA GLU A 280 -4.41 2.13 -19.01
C GLU A 280 -4.54 3.27 -18.00
N ALA A 281 -4.49 2.95 -16.70
CA ALA A 281 -4.61 3.97 -15.66
C ALA A 281 -3.29 4.68 -15.39
N ILE A 282 -2.18 3.94 -15.50
CA ILE A 282 -0.86 4.49 -15.22
C ILE A 282 -0.26 5.24 -16.41
N PHE A 283 -0.38 4.68 -17.62
CA PHE A 283 0.19 5.31 -18.81
C PHE A 283 -0.83 6.03 -19.71
N GLY A 284 -2.12 5.92 -19.40
CA GLY A 284 -3.17 6.57 -20.17
C GLY A 284 -3.33 6.05 -21.59
N GLN A 285 -2.82 4.84 -21.87
CA GLN A 285 -2.91 4.24 -23.20
C GLN A 285 -3.66 2.92 -23.14
N PRO A 286 -4.52 2.64 -24.12
CA PRO A 286 -5.30 1.40 -24.07
C PRO A 286 -4.53 0.11 -24.36
N LYS A 287 -5.06 -1.02 -23.89
CA LYS A 287 -4.47 -2.34 -24.11
C LYS A 287 -5.59 -3.38 -24.27
N GLU A 288 -5.64 -4.06 -25.41
CA GLU A 288 -6.70 -5.04 -25.67
C GLU A 288 -6.47 -6.37 -24.95
N LYS A 289 -7.54 -6.96 -24.39
CA LYS A 289 -7.46 -8.24 -23.70
C LYS A 289 -7.89 -9.36 -24.64
N VAL A 290 -7.13 -10.45 -24.66
CA VAL A 290 -7.47 -11.64 -25.43
C VAL A 290 -7.71 -12.76 -24.43
N TYR A 291 -8.95 -13.23 -24.33
CA TYR A 291 -9.35 -14.23 -23.36
C TYR A 291 -8.92 -15.65 -23.69
N ALA A 292 -8.92 -16.54 -22.67
CA ALA A 292 -8.53 -17.94 -22.78
C ALA A 292 -9.32 -18.70 -23.84
N GLU A 293 -10.59 -18.37 -24.01
CA GLU A 293 -11.43 -19.03 -25.02
C GLU A 293 -10.92 -18.69 -26.42
N GLU A 294 -10.60 -17.41 -26.65
CA GLU A 294 -10.11 -16.94 -27.93
C GLU A 294 -8.75 -17.52 -28.24
N ILE A 295 -7.88 -17.65 -27.22
CA ILE A 295 -6.55 -18.20 -27.45
C ILE A 295 -6.63 -19.70 -27.77
N ALA A 296 -7.52 -20.42 -27.07
CA ALA A 296 -7.70 -21.85 -27.33
C ALA A 296 -8.29 -22.05 -28.74
N GLN A 297 -9.30 -21.24 -29.10
CA GLN A 297 -9.94 -21.31 -30.41
C GLN A 297 -8.95 -20.99 -31.52
N ALA A 298 -8.13 -19.95 -31.34
CA ALA A 298 -7.14 -19.55 -32.33
C ALA A 298 -6.07 -20.61 -32.53
N TRP A 299 -5.68 -21.32 -31.47
CA TRP A 299 -4.64 -22.34 -31.54
C TRP A 299 -5.14 -23.62 -32.23
N GLU A 300 -6.42 -23.95 -32.02
CA GLU A 300 -7.00 -25.16 -32.59
C GLU A 300 -7.40 -24.96 -34.05
N THR A 301 -8.00 -23.80 -34.35
CA THR A 301 -8.38 -23.47 -35.72
C THR A 301 -7.20 -22.91 -36.55
N GLY A 302 -6.14 -22.47 -35.90
CA GLY A 302 -4.96 -21.90 -36.55
C GLY A 302 -5.18 -20.55 -37.19
N GLU A 303 -6.31 -19.90 -36.90
CA GLU A 303 -6.67 -18.62 -37.48
C GLU A 303 -6.74 -17.60 -36.37
N GLY A 304 -6.12 -16.46 -36.59
CA GLY A 304 -6.10 -15.39 -35.59
C GLY A 304 -4.94 -15.48 -34.62
N LEU A 305 -3.87 -16.22 -35.00
CA LEU A 305 -2.68 -16.37 -34.14
C LEU A 305 -1.82 -15.12 -34.07
N GLU A 306 -1.96 -14.21 -35.05
CA GLU A 306 -1.24 -12.93 -35.06
C GLU A 306 -1.72 -12.10 -33.86
N ARG A 307 -3.05 -12.06 -33.64
CA ARG A 307 -3.68 -11.34 -32.55
C ARG A 307 -3.22 -11.89 -31.20
N VAL A 308 -3.08 -13.22 -31.08
CA VAL A 308 -2.64 -13.81 -29.83
C VAL A 308 -1.16 -13.52 -29.58
N ALA A 309 -0.33 -13.57 -30.63
CA ALA A 309 1.09 -13.27 -30.49
C ALA A 309 1.32 -11.82 -30.14
N ARG A 310 0.51 -10.91 -30.69
CA ARG A 310 0.59 -9.48 -30.41
C ARG A 310 0.21 -9.21 -28.97
N TYR A 311 -0.82 -9.91 -28.46
CA TYR A 311 -1.26 -9.80 -27.08
C TYR A 311 -0.15 -10.28 -26.15
N SER A 312 0.48 -11.40 -26.50
CA SER A 312 1.58 -11.98 -25.72
C SER A 312 2.75 -11.01 -25.68
N MET A 313 3.05 -10.35 -26.81
CA MET A 313 4.14 -9.39 -26.91
C MET A 313 3.84 -8.18 -26.04
N GLU A 314 2.61 -7.67 -26.10
CA GLU A 314 2.21 -6.50 -25.34
C GLU A 314 2.24 -6.77 -23.84
N ASP A 315 1.96 -8.01 -23.40
CA ASP A 315 2.01 -8.36 -21.99
C ASP A 315 3.40 -8.17 -21.42
N ALA A 316 4.42 -8.66 -22.15
CA ALA A 316 5.81 -8.52 -21.74
C ALA A 316 6.26 -7.06 -21.83
N LYS A 317 5.84 -6.37 -22.90
CA LYS A 317 6.21 -4.97 -23.10
C LYS A 317 5.68 -4.08 -21.99
N VAL A 318 4.37 -4.15 -21.67
CA VAL A 318 3.77 -3.32 -20.63
C VAL A 318 4.26 -3.70 -19.25
N THR A 319 4.58 -4.98 -19.00
CA THR A 319 5.12 -5.37 -17.70
C THR A 319 6.50 -4.76 -17.50
N TYR A 320 7.29 -4.66 -18.57
CA TYR A 320 8.60 -4.02 -18.48
C TYR A 320 8.43 -2.53 -18.25
N GLU A 321 7.46 -1.90 -18.92
CA GLU A 321 7.19 -0.47 -18.77
C GLU A 321 6.73 -0.13 -17.35
N LEU A 322 5.82 -0.94 -16.80
CA LEU A 322 5.31 -0.75 -15.44
C LEU A 322 6.43 -1.03 -14.42
N GLY A 323 7.22 -2.06 -14.67
CA GLY A 323 8.35 -2.41 -13.82
C GLY A 323 9.37 -1.29 -13.75
N LYS A 324 9.61 -0.64 -14.88
CA LYS A 324 10.53 0.48 -14.96
C LYS A 324 10.01 1.68 -14.12
N GLU A 325 8.68 1.81 -14.01
CA GLU A 325 8.02 2.88 -13.27
C GLU A 325 7.94 2.63 -11.76
N PHE A 326 7.74 1.38 -11.34
CA PHE A 326 7.56 1.06 -9.92
C PHE A 326 8.77 0.48 -9.21
N PHE A 327 9.74 -0.09 -9.93
CA PHE A 327 10.91 -0.70 -9.29
C PHE A 327 11.82 0.32 -8.56
N PRO A 328 12.20 1.47 -9.15
CA PRO A 328 13.05 2.44 -8.42
C PRO A 328 12.44 2.93 -7.10
N MET A 329 11.12 3.03 -7.05
CA MET A 329 10.41 3.45 -5.84
C MET A 329 10.53 2.35 -4.78
N GLU A 330 10.35 1.09 -5.18
CA GLU A 330 10.48 -0.05 -4.28
C GLU A 330 11.91 -0.25 -3.81
N ALA A 331 12.90 0.15 -4.64
CA ALA A 331 14.31 0.10 -4.29
C ALA A 331 14.62 1.09 -3.17
N GLN A 332 14.02 2.29 -3.24
CA GLN A 332 14.18 3.31 -2.20
C GLN A 332 13.48 2.91 -0.93
N LEU A 333 12.34 2.21 -1.04
CA LEU A 333 11.60 1.70 0.12
C LEU A 333 12.43 0.62 0.80
N SER A 334 13.07 -0.25 0.01
CA SER A 334 13.92 -1.33 0.49
C SER A 334 15.11 -0.77 1.27
N ARG A 335 15.78 0.23 0.71
CA ARG A 335 16.93 0.89 1.32
C ARG A 335 16.52 1.62 2.61
N LEU A 336 15.32 2.22 2.65
CA LEU A 336 14.83 2.93 3.83
C LEU A 336 14.55 1.95 5.01
N VAL A 337 13.74 0.92 4.77
CA VAL A 337 13.37 -0.08 5.77
C VAL A 337 14.57 -0.95 6.19
N GLY A 338 15.49 -1.17 5.26
CA GLY A 338 16.67 -1.97 5.52
C GLY A 338 16.47 -3.45 5.28
N GLN A 339 15.50 -3.81 4.42
CA GLN A 339 15.21 -5.20 4.05
C GLN A 339 15.24 -5.35 2.53
N SER A 340 15.33 -6.59 2.02
CA SER A 340 15.40 -6.84 0.58
C SER A 340 14.21 -6.31 -0.20
N LEU A 341 14.42 -5.99 -1.48
CA LEU A 341 13.35 -5.51 -2.36
C LEU A 341 12.26 -6.56 -2.49
N TRP A 342 12.64 -7.84 -2.50
CA TRP A 342 11.73 -8.97 -2.59
C TRP A 342 10.71 -8.95 -1.46
N ASP A 343 11.18 -8.74 -0.23
CA ASP A 343 10.31 -8.72 0.94
C ASP A 343 9.50 -7.45 1.03
N VAL A 344 10.15 -6.28 0.89
CA VAL A 344 9.44 -4.99 1.01
C VAL A 344 8.32 -4.85 0.00
N SER A 345 8.53 -5.32 -1.26
CA SER A 345 7.50 -5.23 -2.29
C SER A 345 6.29 -6.12 -2.00
N ARG A 346 6.45 -7.14 -1.18
CA ARG A 346 5.37 -8.04 -0.82
C ARG A 346 4.85 -7.82 0.61
N SER A 347 5.41 -6.83 1.35
CA SER A 347 5.04 -6.55 2.74
C SER A 347 4.03 -5.43 2.88
N SER A 348 3.18 -5.56 3.92
CA SER A 348 2.14 -4.60 4.30
C SER A 348 2.74 -3.47 5.15
N THR A 349 1.98 -2.39 5.38
CA THR A 349 2.46 -1.23 6.15
C THR A 349 2.92 -1.56 7.57
N GLY A 350 2.17 -2.42 8.26
CA GLY A 350 2.51 -2.86 9.61
C GLY A 350 3.83 -3.60 9.69
N ASN A 351 4.10 -4.47 8.71
CA ASN A 351 5.35 -5.24 8.65
C ASN A 351 6.53 -4.33 8.33
N LEU A 352 6.34 -3.36 7.44
CA LEU A 352 7.40 -2.42 7.07
C LEU A 352 7.89 -1.57 8.24
N VAL A 353 6.95 -1.03 9.05
CA VAL A 353 7.34 -0.24 10.21
C VAL A 353 8.00 -1.11 11.26
N GLU A 354 7.50 -2.34 11.47
CA GLU A 354 8.09 -3.26 12.45
C GLU A 354 9.54 -3.59 12.13
N TRP A 355 9.87 -3.84 10.86
CA TRP A 355 11.24 -4.13 10.46
C TRP A 355 12.16 -2.92 10.59
N PHE A 356 11.63 -1.72 10.37
CA PHE A 356 12.39 -0.51 10.55
C PHE A 356 12.69 -0.33 12.04
N LEU A 357 11.69 -0.56 12.91
CA LEU A 357 11.83 -0.43 14.36
C LEU A 357 12.77 -1.47 14.92
N LEU A 358 12.71 -2.70 14.38
CA LEU A 358 13.56 -3.81 14.81
C LEU A 358 15.01 -3.47 14.59
N ARG A 359 15.33 -2.85 13.45
CA ARG A 359 16.69 -2.42 13.13
C ARG A 359 17.15 -1.31 14.07
N LYS A 360 16.30 -0.28 14.28
CA LYS A 360 16.62 0.84 15.15
C LYS A 360 16.80 0.43 16.58
N ALA A 361 15.98 -0.53 17.06
CA ALA A 361 16.08 -1.05 18.42
C ALA A 361 17.41 -1.78 18.60
N TYR A 362 17.89 -2.51 17.58
CA TYR A 362 19.16 -3.20 17.69
C TYR A 362 20.30 -2.18 17.75
N GLU A 363 20.21 -1.12 16.94
CA GLU A 363 21.21 -0.06 16.92
C GLU A 363 21.33 0.64 18.28
N ARG A 364 20.22 0.75 19.01
CA ARG A 364 20.18 1.39 20.31
C ARG A 364 20.28 0.41 21.48
N ASN A 365 20.64 -0.86 21.25
CA ASN A 365 20.72 -1.89 22.28
C ASN A 365 19.40 -2.03 23.04
N GLU A 366 18.30 -1.86 22.33
CA GLU A 366 16.97 -1.92 22.89
C GLU A 366 16.33 -3.29 22.63
N LEU A 367 16.04 -4.02 23.71
CA LEU A 367 15.39 -5.32 23.65
C LEU A 367 13.97 -5.13 23.10
N ALA A 368 13.64 -5.85 22.03
CA ALA A 368 12.35 -5.73 21.37
C ALA A 368 11.27 -6.57 22.05
N PRO A 369 10.10 -5.97 22.28
CA PRO A 369 8.98 -6.72 22.85
C PRO A 369 8.48 -7.80 21.90
N ASN A 370 7.87 -8.85 22.43
CA ASN A 370 7.39 -9.97 21.64
C ASN A 370 6.08 -9.68 20.94
N LYS A 371 5.74 -10.51 19.94
CA LYS A 371 4.45 -10.44 19.29
C LYS A 371 3.41 -10.93 20.32
N PRO A 372 2.16 -10.48 20.21
CA PRO A 372 1.14 -10.89 21.18
C PRO A 372 0.65 -12.34 21.02
N ASP A 373 0.39 -13.02 22.15
CA ASP A 373 -0.20 -14.36 22.09
C ASP A 373 -1.72 -14.22 21.82
N GLU A 374 -2.44 -15.33 21.65
CA GLU A 374 -3.88 -15.29 21.38
C GLU A 374 -4.68 -14.58 22.48
N ARG A 375 -4.30 -14.76 23.75
CA ARG A 375 -5.00 -14.10 24.85
C ARG A 375 -4.79 -12.60 24.85
N GLU A 376 -3.53 -12.16 24.71
CA GLU A 376 -3.19 -10.75 24.65
C GLU A 376 -3.78 -10.10 23.39
N LEU A 377 -3.82 -10.83 22.28
CA LEU A 377 -4.38 -10.34 21.03
C LEU A 377 -5.88 -10.04 21.16
N ALA A 378 -6.61 -10.87 21.90
CA ALA A 378 -8.03 -10.67 22.17
C ALA A 378 -8.26 -9.45 23.06
N ARG A 379 -7.32 -9.17 23.97
CA ARG A 379 -7.39 -8.00 24.84
C ARG A 379 -7.23 -6.70 24.04
N ARG A 380 -6.43 -6.75 22.96
CA ARG A 380 -6.13 -5.61 22.09
C ARG A 380 -7.15 -5.33 21.00
N ARG A 381 -8.29 -6.02 20.99
CA ARG A 381 -9.33 -5.77 20.00
C ARG A 381 -10.26 -4.61 20.39
N GLU A 382 -10.10 -4.06 21.61
CA GLU A 382 -10.85 -2.91 22.08
C GLU A 382 -10.41 -1.70 21.30
N SER A 383 -11.38 -0.97 20.78
CA SER A 383 -11.11 0.21 19.97
C SER A 383 -11.05 1.49 20.84
N TYR A 384 -10.88 2.63 20.19
CA TYR A 384 -10.78 3.91 20.86
C TYR A 384 -11.38 5.00 19.96
N ALA A 385 -11.54 6.22 20.49
CA ALA A 385 -12.12 7.31 19.72
C ALA A 385 -11.10 7.86 18.71
N GLY A 386 -11.55 8.10 17.49
CA GLY A 386 -10.70 8.59 16.43
C GLY A 386 -10.81 10.07 16.22
N GLY A 387 -10.69 10.51 14.97
CA GLY A 387 -10.75 11.93 14.65
C GLY A 387 -12.11 12.56 14.80
N TYR A 388 -12.13 13.89 14.92
CA TYR A 388 -13.36 14.64 15.05
C TYR A 388 -13.90 14.97 13.68
N VAL A 389 -15.21 14.81 13.47
CA VAL A 389 -15.84 15.14 12.20
C VAL A 389 -17.03 16.08 12.43
N LYS A 390 -16.92 17.33 11.99
CA LYS A 390 -18.00 18.29 12.18
C LYS A 390 -19.13 18.04 11.19
N GLU A 391 -20.39 18.17 11.64
CA GLU A 391 -21.54 18.02 10.73
C GLU A 391 -21.56 19.29 9.89
N PRO A 392 -21.48 19.15 8.57
CA PRO A 392 -21.35 20.32 7.71
C PRO A 392 -22.55 21.26 7.67
N GLU A 393 -22.24 22.53 7.40
CA GLU A 393 -23.22 23.59 7.30
C GLU A 393 -23.79 23.51 5.90
N ARG A 394 -25.10 23.29 5.82
CA ARG A 394 -25.83 23.17 4.56
C ARG A 394 -25.83 24.49 3.79
N GLY A 395 -25.99 24.41 2.48
CA GLY A 395 -26.03 25.58 1.61
C GLY A 395 -24.79 25.76 0.77
N LEU A 396 -24.84 26.70 -0.19
CA LEU A 396 -23.69 26.98 -1.05
C LEU A 396 -22.92 28.11 -0.40
N TRP A 397 -21.59 27.97 -0.28
CA TRP A 397 -20.78 28.99 0.35
C TRP A 397 -19.77 29.62 -0.61
N GLU A 398 -19.52 30.90 -0.43
CA GLU A 398 -18.61 31.64 -1.31
C GLU A 398 -17.31 31.97 -0.60
N ASN A 399 -16.20 32.02 -1.34
CA ASN A 399 -14.87 32.40 -0.86
C ASN A 399 -14.47 31.65 0.39
N ILE A 400 -14.10 30.39 0.22
CA ILE A 400 -13.75 29.50 1.31
C ILE A 400 -12.26 29.26 1.40
N VAL A 401 -11.70 29.25 2.60
CA VAL A 401 -10.30 28.91 2.82
C VAL A 401 -10.20 27.55 3.51
N TYR A 402 -9.25 26.71 3.08
CA TYR A 402 -9.02 25.42 3.73
C TYR A 402 -7.73 25.51 4.52
N LEU A 403 -7.83 25.32 5.83
CA LEU A 403 -6.68 25.35 6.72
C LEU A 403 -6.52 23.98 7.35
N ASP A 404 -5.30 23.47 7.42
CA ASP A 404 -5.04 22.16 8.02
C ASP A 404 -3.68 22.11 8.71
N PHE A 405 -3.51 21.15 9.62
CA PHE A 405 -2.25 20.99 10.32
C PHE A 405 -1.22 20.27 9.49
N ARG A 406 0.02 20.74 9.56
CA ARG A 406 1.14 20.13 8.87
C ARG A 406 1.51 18.88 9.65
N SER A 407 1.23 17.67 9.10
CA SER A 407 1.52 16.38 9.73
C SER A 407 1.03 16.35 11.19
N LEU A 408 -0.28 16.45 11.40
CA LEU A 408 -0.85 16.53 12.73
C LEU A 408 -0.41 15.41 13.68
N TYR A 409 -0.63 14.16 13.30
CA TYR A 409 -0.30 13.02 14.16
C TYR A 409 1.22 12.87 14.42
N PRO A 410 2.11 12.97 13.40
CA PRO A 410 3.55 12.93 13.71
C PRO A 410 4.00 14.13 14.55
N SER A 411 3.38 15.31 14.35
CA SER A 411 3.71 16.51 15.14
C SER A 411 3.35 16.28 16.60
N ILE A 412 2.19 15.65 16.86
CA ILE A 412 1.74 15.34 18.22
C ILE A 412 2.71 14.38 18.90
N ILE A 413 3.11 13.31 18.20
CA ILE A 413 4.02 12.32 18.74
C ILE A 413 5.36 12.94 19.16
N ILE A 414 5.91 13.80 18.32
CA ILE A 414 7.19 14.46 18.62
C ILE A 414 7.02 15.51 19.72
N THR A 415 6.06 16.43 19.57
CA THR A 415 5.82 17.51 20.52
C THR A 415 5.52 17.00 21.93
N HIS A 416 4.63 16.01 22.06
CA HIS A 416 4.24 15.52 23.37
C HIS A 416 4.97 14.26 23.80
N ASN A 417 6.02 13.85 23.07
CA ASN A 417 6.86 12.71 23.41
C ASN A 417 6.03 11.43 23.67
N VAL A 418 5.09 11.14 22.76
CA VAL A 418 4.18 10.00 22.89
C VAL A 418 4.86 8.68 22.52
N SER A 419 5.11 7.84 23.52
CA SER A 419 5.75 6.56 23.31
C SER A 419 5.53 5.60 24.49
N PRO A 420 5.56 4.28 24.23
CA PRO A 420 5.35 3.31 25.32
C PRO A 420 6.40 3.37 26.44
N ASP A 421 7.58 3.90 26.13
CA ASP A 421 8.67 4.04 27.09
C ASP A 421 8.59 5.34 27.91
N THR A 422 7.71 6.28 27.51
CA THR A 422 7.49 7.51 28.27
C THR A 422 6.08 7.52 28.92
N LEU A 423 5.22 6.57 28.57
CA LEU A 423 3.86 6.47 29.08
C LEU A 423 3.84 6.16 30.57
N ASN A 424 3.24 7.06 31.35
CA ASN A 424 3.09 6.96 32.81
C ASN A 424 4.39 6.58 33.52
N ARG A 425 5.52 7.14 33.05
CA ARG A 425 6.81 6.85 33.66
C ARG A 425 6.96 7.67 34.91
N GLU A 426 6.99 7.01 36.06
CA GLU A 426 7.10 7.71 37.34
C GLU A 426 8.52 8.21 37.58
N GLY A 427 8.62 9.30 38.33
CA GLY A 427 9.92 9.86 38.68
C GLY A 427 10.39 11.02 37.83
N CYS A 428 9.59 11.43 36.84
CA CYS A 428 9.96 12.55 35.98
C CYS A 428 9.55 13.88 36.59
N GLU A 429 10.24 14.94 36.19
CA GLU A 429 9.98 16.30 36.64
C GLU A 429 9.01 17.02 35.70
N GLU A 430 8.82 16.53 34.45
CA GLU A 430 7.94 17.16 33.48
C GLU A 430 7.10 16.15 32.71
N TYR A 431 5.81 16.45 32.52
CA TYR A 431 4.88 15.59 31.80
C TYR A 431 3.95 16.39 30.91
N ASP A 432 3.40 15.73 29.91
CA ASP A 432 2.35 16.28 29.07
C ASP A 432 1.17 15.33 29.22
N VAL A 433 -0.01 15.88 29.51
CA VAL A 433 -1.20 15.08 29.76
C VAL A 433 -2.18 15.13 28.59
N ALA A 434 -2.55 13.97 28.07
CA ALA A 434 -3.47 13.89 26.96
C ALA A 434 -4.88 14.24 27.41
N PRO A 435 -5.57 15.11 26.66
CA PRO A 435 -6.94 15.48 27.04
C PRO A 435 -7.91 14.32 26.95
N GLN A 436 -8.95 14.33 27.79
CA GLN A 436 -9.99 13.29 27.84
C GLN A 436 -9.48 11.94 28.38
N VAL A 437 -8.50 11.32 27.72
CA VAL A 437 -7.95 10.03 28.11
C VAL A 437 -7.04 10.10 29.34
N GLY A 438 -6.37 11.23 29.53
CA GLY A 438 -5.54 11.47 30.70
C GLY A 438 -4.20 10.77 30.81
N HIS A 439 -3.72 10.14 29.74
CA HIS A 439 -2.42 9.47 29.76
C HIS A 439 -1.31 10.49 29.86
N LYS A 440 -0.36 10.23 30.75
CA LYS A 440 0.74 11.14 30.97
C LYS A 440 1.99 10.65 30.27
N PHE A 441 2.75 11.57 29.66
CA PHE A 441 3.97 11.20 28.96
C PHE A 441 5.15 12.00 29.47
N CYS A 442 6.18 11.31 29.99
CA CYS A 442 7.40 11.92 30.50
C CYS A 442 8.09 12.76 29.42
N LYS A 443 8.50 13.97 29.77
CA LYS A 443 9.18 14.86 28.82
C LYS A 443 10.67 15.05 29.12
N ASP A 444 11.21 14.34 30.12
CA ASP A 444 12.59 14.47 30.55
C ASP A 444 13.60 14.00 29.53
N PHE A 445 13.27 12.96 28.78
CA PHE A 445 14.16 12.40 27.78
C PHE A 445 13.38 12.05 26.52
N PRO A 446 14.00 12.15 25.34
CA PRO A 446 13.27 11.78 24.11
C PRO A 446 12.94 10.30 24.07
N GLY A 447 11.69 9.98 23.77
CA GLY A 447 11.23 8.60 23.69
C GLY A 447 11.77 7.92 22.44
N PHE A 448 11.76 6.58 22.41
CA PHE A 448 12.24 5.78 21.30
C PHE A 448 11.59 6.15 19.97
N ILE A 449 10.26 6.04 19.86
CA ILE A 449 9.56 6.35 18.61
C ILE A 449 9.57 7.85 18.30
N PRO A 450 9.30 8.78 19.23
CA PRO A 450 9.39 10.21 18.89
C PRO A 450 10.80 10.62 18.45
N SER A 451 11.84 9.96 18.98
CA SER A 451 13.21 10.27 18.59
C SER A 451 13.46 9.78 17.15
N LEU A 452 12.94 8.60 16.77
CA LEU A 452 13.06 8.08 15.40
C LEU A 452 12.27 8.92 14.42
N LEU A 453 11.08 9.35 14.82
CA LEU A 453 10.21 10.22 14.02
C LEU A 453 10.89 11.60 13.80
N GLY A 454 11.60 12.09 14.81
CA GLY A 454 12.36 13.35 14.68
C GLY A 454 13.52 13.20 13.72
N ASP A 455 14.20 12.04 13.75
CA ASP A 455 15.31 11.73 12.84
C ASP A 455 14.82 11.55 11.41
N LEU A 456 13.62 11.00 11.23
CA LEU A 456 13.00 10.82 9.92
C LEU A 456 12.69 12.18 9.29
N LEU A 457 12.08 13.09 10.06
CA LEU A 457 11.76 14.44 9.58
C LEU A 457 13.02 15.24 9.27
N GLU A 458 14.10 15.04 10.05
CA GLU A 458 15.36 15.71 9.83
C GLU A 458 16.02 15.17 8.57
N GLU A 459 15.99 13.84 8.39
CA GLU A 459 16.54 13.17 7.21
C GLU A 459 15.77 13.56 5.95
N ARG A 460 14.46 13.74 6.06
CA ARG A 460 13.62 14.16 4.94
C ARG A 460 14.02 15.54 4.47
N GLN A 461 14.29 16.47 5.39
CA GLN A 461 14.72 17.81 5.04
C GLN A 461 16.10 17.79 4.41
N LYS A 462 17.00 16.89 4.85
CA LYS A 462 18.33 16.73 4.26
C LYS A 462 18.27 16.15 2.84
N VAL A 463 17.21 15.38 2.51
CA VAL A 463 17.06 14.85 1.17
C VAL A 463 16.35 15.87 0.26
N LYS A 464 15.42 16.67 0.83
CA LYS A 464 14.73 17.72 0.06
C LYS A 464 15.75 18.78 -0.38
N LYS A 465 16.70 19.12 0.48
CA LYS A 465 17.73 20.11 0.16
C LYS A 465 18.77 19.56 -0.80
N LYS A 466 19.06 18.24 -0.73
CA LYS A 466 19.99 17.62 -1.68
C LYS A 466 19.40 17.61 -3.10
N MET A 467 18.07 17.45 -3.21
CA MET A 467 17.36 17.49 -4.48
C MET A 467 17.56 18.80 -5.22
N LYS A 468 17.47 19.93 -4.50
CA LYS A 468 17.62 21.27 -5.07
C LYS A 468 19.00 21.49 -5.66
N ALA A 469 20.03 20.87 -5.06
CA ALA A 469 21.40 21.03 -5.54
C ALA A 469 21.82 19.98 -6.58
N THR A 470 21.07 18.87 -6.71
CA THR A 470 21.43 17.83 -7.66
C THR A 470 21.17 18.19 -9.10
N ILE A 471 22.23 18.20 -9.90
CA ILE A 471 22.15 18.43 -11.32
C ILE A 471 21.64 17.16 -12.02
N ASP A 472 22.10 15.97 -11.57
CA ASP A 472 21.70 14.68 -12.11
C ASP A 472 20.19 14.44 -11.93
N PRO A 473 19.44 14.43 -13.05
CA PRO A 473 17.98 14.24 -12.97
C PRO A 473 17.53 12.85 -12.52
N ILE A 474 18.37 11.84 -12.73
CA ILE A 474 18.05 10.47 -12.30
C ILE A 474 18.16 10.40 -10.79
N GLU A 475 19.23 10.97 -10.23
CA GLU A 475 19.45 11.00 -8.80
C GLU A 475 18.36 11.84 -8.12
N LYS A 476 17.91 12.92 -8.76
CA LYS A 476 16.85 13.78 -8.20
C LYS A 476 15.53 13.02 -8.05
N LYS A 477 15.20 12.16 -9.04
CA LYS A 477 13.99 11.35 -9.00
C LYS A 477 14.09 10.31 -7.89
N LEU A 478 15.27 9.73 -7.71
CA LEU A 478 15.55 8.76 -6.67
C LEU A 478 15.40 9.39 -5.30
N LEU A 479 15.96 10.60 -5.12
CA LEU A 479 15.84 11.33 -3.86
C LEU A 479 14.38 11.73 -3.59
N ASP A 480 13.62 12.05 -4.64
CA ASP A 480 12.21 12.38 -4.54
C ASP A 480 11.43 11.17 -4.00
N TYR A 481 11.78 9.95 -4.43
CA TYR A 481 11.16 8.73 -3.96
C TYR A 481 11.46 8.52 -2.47
N ARG A 482 12.74 8.64 -2.07
CA ARG A 482 13.16 8.47 -0.67
C ARG A 482 12.44 9.48 0.21
N GLN A 483 12.35 10.73 -0.24
CA GLN A 483 11.70 11.78 0.54
C GLN A 483 10.21 11.51 0.71
N ARG A 484 9.56 11.01 -0.34
CA ARG A 484 8.14 10.70 -0.30
C ARG A 484 7.90 9.50 0.61
N LEU A 485 8.77 8.51 0.55
CA LEU A 485 8.66 7.31 1.35
C LEU A 485 8.89 7.59 2.82
N ILE A 486 9.73 8.59 3.16
CA ILE A 486 9.93 8.96 4.56
C ILE A 486 8.66 9.59 5.12
N LYS A 487 7.96 10.41 4.32
CA LYS A 487 6.70 11.00 4.75
C LYS A 487 5.65 9.90 5.01
N ILE A 488 5.58 8.89 4.13
CA ILE A 488 4.65 7.77 4.27
C ILE A 488 5.01 6.92 5.49
N LEU A 489 6.29 6.70 5.74
CA LEU A 489 6.72 5.93 6.91
C LEU A 489 6.40 6.68 8.19
N ALA A 490 6.66 7.99 8.23
CA ALA A 490 6.36 8.82 9.40
C ALA A 490 4.87 8.83 9.72
N ASN A 491 4.03 8.85 8.68
CA ASN A 491 2.58 8.83 8.84
C ASN A 491 1.99 7.42 9.08
N SER A 492 2.85 6.40 9.26
CA SER A 492 2.43 5.04 9.53
C SER A 492 2.59 4.64 11.01
N PHE A 493 3.33 5.45 11.80
CA PHE A 493 3.56 5.21 13.22
C PHE A 493 2.29 5.23 14.03
N TYR A 494 1.38 6.18 13.76
CA TYR A 494 0.12 6.27 14.51
C TYR A 494 -0.70 4.98 14.37
N GLY A 495 -0.95 4.55 13.13
CA GLY A 495 -1.75 3.36 12.87
C GLY A 495 -1.14 2.13 13.48
N TYR A 496 0.20 2.06 13.47
CA TYR A 496 0.96 0.95 14.04
C TYR A 496 0.75 0.86 15.54
N TYR A 497 0.63 2.01 16.22
CA TYR A 497 0.37 2.07 17.65
C TYR A 497 -0.94 1.35 18.02
N GLY A 498 -1.93 1.41 17.15
CA GLY A 498 -3.21 0.75 17.39
C GLY A 498 -3.38 -0.58 16.67
N TYR A 499 -2.31 -1.08 16.05
CA TYR A 499 -2.30 -2.35 15.34
C TYR A 499 -2.06 -3.46 16.35
N ALA A 500 -3.09 -4.25 16.61
CA ALA A 500 -3.07 -5.29 17.63
C ALA A 500 -1.94 -6.31 17.54
N LYS A 501 -1.45 -6.61 16.33
CA LYS A 501 -0.36 -7.58 16.17
C LYS A 501 1.05 -6.98 16.35
N ALA A 502 1.13 -5.65 16.42
CA ALA A 502 2.40 -4.93 16.55
C ALA A 502 3.16 -5.26 17.83
N ARG A 503 4.50 -5.32 17.74
CA ARG A 503 5.35 -5.56 18.90
C ARG A 503 5.30 -4.34 19.81
N TRP A 504 5.40 -3.13 19.21
CA TRP A 504 5.36 -1.87 19.95
C TRP A 504 3.96 -1.26 19.96
N TYR A 505 2.93 -2.11 20.01
CA TYR A 505 1.53 -1.70 20.12
C TYR A 505 1.35 -0.95 21.43
N CYS A 506 0.55 0.11 21.38
CA CYS A 506 0.22 0.87 22.57
C CYS A 506 -1.07 1.61 22.33
N LYS A 507 -2.20 1.09 22.86
CA LYS A 507 -3.50 1.72 22.69
C LYS A 507 -3.53 3.06 23.35
N GLU A 508 -2.88 3.20 24.51
CA GLU A 508 -2.78 4.45 25.24
C GLU A 508 -2.14 5.54 24.38
N CYS A 509 -1.07 5.19 23.64
CA CYS A 509 -0.38 6.09 22.73
C CYS A 509 -1.28 6.46 21.58
N ALA A 510 -1.94 5.47 20.98
CA ALA A 510 -2.80 5.70 19.83
C ALA A 510 -3.96 6.63 20.16
N GLU A 511 -4.70 6.36 21.25
CA GLU A 511 -5.83 7.19 21.63
C GLU A 511 -5.43 8.56 22.17
N SER A 512 -4.18 8.70 22.65
CA SER A 512 -3.68 10.00 23.10
C SER A 512 -3.42 10.90 21.89
N VAL A 513 -2.93 10.33 20.78
CA VAL A 513 -2.69 11.07 19.55
C VAL A 513 -4.02 11.61 19.00
N THR A 514 -5.05 10.76 18.96
CA THR A 514 -6.36 11.18 18.46
C THR A 514 -7.07 12.14 19.40
N ALA A 515 -6.84 12.02 20.72
CA ALA A 515 -7.44 12.93 21.69
C ALA A 515 -6.81 14.31 21.57
N TRP A 516 -5.48 14.35 21.39
CA TRP A 516 -4.78 15.61 21.20
C TRP A 516 -5.20 16.23 19.89
N GLY A 517 -5.35 15.41 18.85
CA GLY A 517 -5.81 15.85 17.54
C GLY A 517 -7.19 16.46 17.60
N ARG A 518 -8.13 15.80 18.31
CA ARG A 518 -9.49 16.33 18.50
C ARG A 518 -9.45 17.66 19.23
N GLN A 519 -8.55 17.81 20.20
CA GLN A 519 -8.42 19.05 20.95
C GLN A 519 -7.91 20.19 20.07
N TYR A 520 -6.82 19.98 19.32
CA TYR A 520 -6.25 21.02 18.49
C TYR A 520 -7.19 21.49 17.39
N ILE A 521 -7.92 20.56 16.75
CA ILE A 521 -8.85 20.92 15.69
C ILE A 521 -10.06 21.66 16.25
N GLU A 522 -10.60 21.22 17.40
CA GLU A 522 -11.78 21.86 17.99
C GLU A 522 -11.46 23.21 18.62
N THR A 523 -10.31 23.33 19.29
CA THR A 523 -9.95 24.60 19.91
C THR A 523 -9.64 25.65 18.83
N THR A 524 -9.01 25.24 17.71
CA THR A 524 -8.72 26.17 16.61
C THR A 524 -10.00 26.65 15.92
N ILE A 525 -11.03 25.79 15.84
CA ILE A 525 -12.31 26.16 15.25
C ILE A 525 -12.99 27.24 16.10
N ARG A 526 -13.14 27.00 17.40
CA ARG A 526 -13.76 28.00 18.29
C ARG A 526 -12.95 29.30 18.31
N GLU A 527 -11.63 29.21 18.15
CA GLU A 527 -10.72 30.35 18.13
C GLU A 527 -10.99 31.23 16.91
N ILE A 528 -11.11 30.63 15.71
CA ILE A 528 -11.36 31.39 14.49
C ILE A 528 -12.78 31.94 14.43
N GLU A 529 -13.74 31.28 15.10
CA GLU A 529 -15.11 31.76 15.12
C GLU A 529 -15.26 32.92 16.10
N GLU A 530 -14.78 32.74 17.33
CA GLU A 530 -14.94 33.75 18.37
C GLU A 530 -14.07 34.98 18.21
N LYS A 531 -12.81 34.81 17.78
CA LYS A 531 -11.89 35.93 17.69
C LYS A 531 -11.71 36.51 16.29
N PHE A 532 -12.21 35.84 15.25
CA PHE A 532 -12.08 36.37 13.89
C PHE A 532 -13.40 36.43 13.10
N GLY A 533 -14.50 35.98 13.70
CA GLY A 533 -15.81 36.03 13.08
C GLY A 533 -15.99 35.15 11.86
N PHE A 534 -15.22 34.07 11.77
CA PHE A 534 -15.34 33.14 10.65
C PHE A 534 -16.43 32.13 10.93
N LYS A 535 -17.03 31.60 9.87
CA LYS A 535 -18.00 30.54 9.97
C LYS A 535 -17.28 29.29 9.52
N VAL A 536 -17.22 28.25 10.36
CA VAL A 536 -16.58 27.00 9.98
C VAL A 536 -17.63 26.10 9.36
N LEU A 537 -17.49 25.87 8.07
CA LEU A 537 -18.47 25.12 7.30
C LEU A 537 -18.36 23.63 7.50
N TYR A 538 -17.14 23.11 7.50
CA TYR A 538 -16.91 21.68 7.65
C TYR A 538 -15.51 21.39 8.17
N ALA A 539 -15.35 20.31 8.92
CA ALA A 539 -14.05 19.94 9.47
C ALA A 539 -13.94 18.42 9.60
N ASP A 540 -12.77 17.88 9.27
CA ASP A 540 -12.52 16.45 9.46
C ASP A 540 -11.42 16.28 10.56
N THR A 541 -10.53 15.29 10.49
CA THR A 541 -9.57 15.06 11.59
C THR A 541 -8.54 16.18 11.82
N ASP A 542 -7.92 16.66 10.73
CA ASP A 542 -6.82 17.63 10.85
C ASP A 542 -6.96 18.92 10.05
N GLY A 543 -8.15 19.22 9.58
CA GLY A 543 -8.36 20.42 8.79
C GLY A 543 -9.80 20.88 8.73
N PHE A 544 -10.02 22.13 8.33
CA PHE A 544 -11.36 22.69 8.25
C PHE A 544 -11.51 23.74 7.13
N PHE A 545 -12.74 23.91 6.67
CA PHE A 545 -13.10 24.88 5.65
C PHE A 545 -13.82 26.01 6.34
N ALA A 546 -13.36 27.25 6.16
CA ALA A 546 -13.97 28.42 6.80
C ALA A 546 -14.22 29.58 5.83
N THR A 547 -15.12 30.52 6.19
CA THR A 547 -15.40 31.70 5.38
C THR A 547 -16.04 32.83 6.22
N ILE A 548 -16.08 34.06 5.70
CA ILE A 548 -16.77 35.16 6.36
C ILE A 548 -17.93 35.52 5.43
N PRO A 549 -19.16 35.10 5.81
CA PRO A 549 -20.32 35.26 4.93
C PRO A 549 -20.52 36.60 4.22
N GLY A 550 -20.20 37.70 4.88
CA GLY A 550 -20.37 39.01 4.27
C GLY A 550 -19.07 39.67 3.87
N ALA A 551 -18.07 38.85 3.51
CA ALA A 551 -16.76 39.40 3.16
C ALA A 551 -16.29 39.07 1.76
N ASP A 552 -15.48 39.96 1.19
CA ASP A 552 -14.94 39.75 -0.14
C ASP A 552 -13.77 38.76 -0.11
N ALA A 553 -13.34 38.30 -1.29
CA ALA A 553 -12.28 37.31 -1.44
C ALA A 553 -10.96 37.76 -0.84
N GLU A 554 -10.53 38.99 -1.09
CA GLU A 554 -9.28 39.51 -0.53
C GLU A 554 -9.39 39.67 0.99
N THR A 555 -10.59 39.96 1.50
CA THR A 555 -10.81 40.13 2.93
C THR A 555 -10.68 38.80 3.64
N VAL A 556 -11.27 37.72 3.07
CA VAL A 556 -11.19 36.42 3.70
C VAL A 556 -9.76 35.91 3.70
N LYS A 557 -9.01 36.15 2.61
CA LYS A 557 -7.61 35.72 2.53
C LYS A 557 -6.77 36.41 3.59
N LYS A 558 -6.91 37.74 3.71
CA LYS A 558 -6.16 38.55 4.67
C LYS A 558 -6.41 38.09 6.10
N LYS A 559 -7.69 37.96 6.49
CA LYS A 559 -8.07 37.54 7.84
C LYS A 559 -7.61 36.11 8.14
N ALA A 560 -7.59 35.24 7.12
CA ALA A 560 -7.13 33.86 7.32
C ALA A 560 -5.64 33.86 7.62
N LYS A 561 -4.86 34.69 6.89
CA LYS A 561 -3.41 34.79 7.11
C LYS A 561 -3.13 35.40 8.48
N GLU A 562 -3.97 36.34 8.94
CA GLU A 562 -3.83 36.94 10.27
C GLU A 562 -4.14 35.93 11.36
N PHE A 563 -5.15 35.07 11.14
CA PHE A 563 -5.50 34.03 12.10
C PHE A 563 -4.35 33.03 12.19
N LEU A 564 -3.75 32.66 11.05
CA LEU A 564 -2.62 31.73 11.01
C LEU A 564 -1.45 32.24 11.84
N ASP A 565 -1.13 33.53 11.73
CA ASP A 565 -0.05 34.13 12.51
C ASP A 565 -0.36 34.04 14.01
N TYR A 566 -1.63 34.27 14.37
CA TYR A 566 -2.13 34.24 15.74
C TYR A 566 -2.04 32.86 16.40
N ILE A 567 -2.68 31.83 15.82
CA ILE A 567 -2.67 30.49 16.43
C ILE A 567 -1.32 29.83 16.38
N ASN A 568 -0.50 30.07 15.35
CA ASN A 568 0.81 29.44 15.25
C ASN A 568 1.76 29.89 16.36
N ALA A 569 1.54 31.08 16.91
CA ALA A 569 2.31 31.56 18.04
C ALA A 569 1.82 30.89 19.35
N LYS A 570 0.56 30.41 19.39
CA LYS A 570 -0.04 29.74 20.54
C LYS A 570 0.18 28.22 20.53
N LEU A 571 0.37 27.62 19.34
CA LEU A 571 0.58 26.19 19.21
C LEU A 571 1.94 25.75 19.74
N PRO A 572 1.98 24.66 20.51
CA PRO A 572 3.26 24.20 21.06
C PRO A 572 4.07 23.36 20.09
N GLY A 573 5.37 23.28 20.33
CA GLY A 573 6.31 22.48 19.56
C GLY A 573 6.21 22.55 18.05
N LEU A 574 6.07 21.38 17.42
CA LEU A 574 6.00 21.23 15.97
C LEU A 574 4.64 21.44 15.36
N LEU A 575 3.60 21.67 16.18
CA LEU A 575 2.26 21.89 15.65
C LEU A 575 2.18 23.18 14.86
N GLU A 576 1.59 23.11 13.67
CA GLU A 576 1.57 24.24 12.77
C GLU A 576 0.36 24.18 11.85
N LEU A 577 -0.43 25.24 11.83
CA LEU A 577 -1.58 25.33 10.94
C LEU A 577 -1.12 26.01 9.65
N GLU A 578 -1.57 25.49 8.51
CA GLU A 578 -1.15 25.98 7.21
C GLU A 578 -2.30 26.40 6.30
N TYR A 579 -2.00 27.26 5.33
CA TYR A 579 -2.95 27.73 4.31
C TYR A 579 -2.87 26.73 3.17
N GLU A 580 -3.84 25.81 3.11
CA GLU A 580 -3.81 24.77 2.09
C GLU A 580 -4.37 25.21 0.73
N GLY A 581 -5.37 26.07 0.73
CA GLY A 581 -5.95 26.55 -0.52
C GLY A 581 -7.18 27.41 -0.35
N PHE A 582 -7.50 28.17 -1.40
CA PHE A 582 -8.68 29.05 -1.43
C PHE A 582 -9.63 28.57 -2.50
N TYR A 583 -10.93 28.57 -2.21
CA TYR A 583 -11.94 28.09 -3.13
C TYR A 583 -13.03 29.14 -3.37
N LYS A 584 -13.29 29.44 -4.64
CA LYS A 584 -14.29 30.41 -5.09
C LYS A 584 -15.66 30.07 -4.53
N ARG A 585 -16.06 28.80 -4.62
CA ARG A 585 -17.30 28.34 -4.00
C ARG A 585 -17.23 26.86 -3.61
N GLY A 586 -18.18 26.42 -2.79
CA GLY A 586 -18.22 25.03 -2.34
C GLY A 586 -19.44 24.66 -1.55
N PHE A 587 -19.79 23.38 -1.58
CA PHE A 587 -20.92 22.88 -0.80
C PHE A 587 -20.49 21.63 -0.04
N PHE A 588 -20.99 21.50 1.18
CA PHE A 588 -20.67 20.38 2.04
C PHE A 588 -21.96 19.61 2.26
N ALA A 589 -22.16 18.53 1.48
CA ALA A 589 -23.38 17.74 1.47
C ALA A 589 -23.65 16.99 2.79
N THR A 590 -22.75 16.11 3.21
CA THR A 590 -22.84 15.38 4.46
C THR A 590 -21.41 15.12 4.95
N LYS A 591 -21.21 14.42 6.08
CA LYS A 591 -19.86 14.11 6.55
C LYS A 591 -19.18 13.22 5.51
N LYS A 592 -17.94 13.55 5.15
CA LYS A 592 -17.13 12.86 4.14
C LYS A 592 -17.57 13.14 2.68
N LYS A 593 -18.65 13.90 2.47
CA LYS A 593 -19.15 14.20 1.13
C LYS A 593 -19.26 15.70 0.87
N TYR A 594 -18.42 16.22 -0.04
CA TYR A 594 -18.41 17.64 -0.36
C TYR A 594 -17.77 17.93 -1.72
N ALA A 595 -17.87 19.18 -2.20
CA ALA A 595 -17.26 19.59 -3.46
C ALA A 595 -16.93 21.07 -3.44
N VAL A 596 -15.75 21.43 -3.96
CA VAL A 596 -15.29 22.82 -4.01
C VAL A 596 -14.70 23.14 -5.40
N ILE A 597 -14.56 24.42 -5.72
CA ILE A 597 -13.94 24.85 -6.98
C ILE A 597 -12.96 25.99 -6.71
N ASP A 598 -11.74 25.91 -7.26
CA ASP A 598 -10.75 26.96 -7.04
C ASP A 598 -10.92 28.14 -8.03
N GLU A 599 -10.01 29.12 -7.97
CA GLU A 599 -10.05 30.27 -8.87
C GLU A 599 -9.69 29.93 -10.32
N GLU A 600 -9.03 28.78 -10.56
CA GLU A 600 -8.69 28.29 -11.90
C GLU A 600 -9.89 27.59 -12.57
N ASP A 601 -10.92 27.23 -11.78
CA ASP A 601 -12.16 26.54 -12.11
C ASP A 601 -12.01 25.00 -12.07
N LYS A 602 -11.01 24.52 -11.30
CA LYS A 602 -10.82 23.09 -11.12
C LYS A 602 -11.70 22.66 -9.96
N ILE A 603 -12.53 21.64 -10.19
CA ILE A 603 -13.43 21.15 -9.16
C ILE A 603 -12.83 19.95 -8.44
N THR A 604 -12.82 19.99 -7.10
CA THR A 604 -12.34 18.87 -6.30
C THR A 604 -13.55 18.25 -5.61
N THR A 605 -13.75 16.94 -5.79
CA THR A 605 -14.89 16.27 -5.21
C THR A 605 -14.47 15.12 -4.31
N ARG A 606 -15.12 15.00 -3.15
CA ARG A 606 -14.83 13.92 -2.21
C ARG A 606 -16.12 13.20 -1.85
N GLY A 607 -16.08 11.87 -1.92
CA GLY A 607 -17.23 11.03 -1.56
C GLY A 607 -18.39 11.06 -2.54
N LEU A 608 -18.25 11.78 -3.65
CA LEU A 608 -19.32 11.87 -4.64
C LEU A 608 -19.05 11.06 -5.92
N LYS A 609 -17.80 10.60 -6.14
CA LYS A 609 -17.42 9.81 -7.31
C LYS A 609 -18.32 8.57 -7.49
N MET A 610 -18.31 7.64 -6.52
CA MET A 610 -19.11 6.41 -6.46
C MET A 610 -19.15 5.62 -7.77
N ARG A 613 -18.70 1.81 -7.95
CA ARG A 613 -19.92 1.04 -8.20
C ARG A 613 -20.39 1.16 -9.66
N ASP A 614 -21.27 0.25 -10.11
CA ASP A 614 -21.79 0.21 -11.48
C ASP A 614 -22.84 1.29 -11.80
N TRP A 615 -22.48 2.33 -12.58
CA TRP A 615 -23.42 3.41 -12.90
C TRP A 615 -23.58 3.64 -14.39
N SER A 616 -24.80 3.96 -14.84
CA SER A 616 -25.11 4.26 -16.23
C SER A 616 -24.55 5.63 -16.59
N GLU A 617 -24.28 5.85 -17.89
CA GLU A 617 -23.74 7.12 -18.35
C GLU A 617 -24.70 8.29 -18.15
N ILE A 618 -26.03 8.02 -18.08
CA ILE A 618 -27.02 9.06 -17.85
C ILE A 618 -26.93 9.59 -16.42
N ALA A 619 -26.66 8.71 -15.45
CA ALA A 619 -26.51 9.12 -14.05
C ALA A 619 -25.20 9.86 -13.82
N LYS A 620 -24.13 9.42 -14.48
CA LYS A 620 -22.82 10.07 -14.38
C LYS A 620 -22.84 11.45 -15.04
N GLU A 621 -23.52 11.55 -16.20
CA GLU A 621 -23.63 12.79 -16.96
C GLU A 621 -24.40 13.85 -16.20
N THR A 622 -25.56 13.49 -15.61
CA THR A 622 -26.42 14.42 -14.87
C THR A 622 -25.74 14.88 -13.59
N GLN A 623 -25.01 13.99 -12.91
CA GLN A 623 -24.30 14.37 -11.70
C GLN A 623 -23.22 15.40 -12.00
N ALA A 624 -22.50 15.20 -13.12
CA ALA A 624 -21.46 16.13 -13.54
C ALA A 624 -22.07 17.45 -13.97
N ARG A 625 -23.24 17.40 -14.64
CA ARG A 625 -23.96 18.59 -15.09
C ARG A 625 -24.47 19.39 -13.90
N VAL A 626 -24.94 18.70 -12.85
CA VAL A 626 -25.42 19.33 -11.64
C VAL A 626 -24.26 20.00 -10.92
N LEU A 627 -23.15 19.27 -10.76
CA LEU A 627 -21.98 19.77 -10.08
C LEU A 627 -21.41 21.00 -10.77
N GLU A 628 -21.40 21.00 -12.10
CA GLU A 628 -20.89 22.11 -12.89
C GLU A 628 -21.78 23.34 -12.73
N ALA A 629 -23.11 23.17 -12.76
CA ALA A 629 -24.03 24.29 -12.61
C ALA A 629 -23.91 24.96 -11.24
N ILE A 630 -23.63 24.16 -10.21
CA ILE A 630 -23.50 24.68 -8.86
C ILE A 630 -22.14 25.33 -8.65
N LEU A 631 -21.07 24.62 -8.99
CA LEU A 631 -19.72 25.11 -8.76
C LEU A 631 -19.22 26.18 -9.73
N LYS A 632 -19.49 26.05 -11.03
CA LYS A 632 -19.02 27.03 -12.01
C LYS A 632 -19.98 28.20 -12.18
N HIS A 633 -21.29 27.90 -12.31
CA HIS A 633 -22.28 28.95 -12.53
C HIS A 633 -22.89 29.51 -11.24
N GLY A 634 -22.68 28.85 -10.11
CA GLY A 634 -23.27 29.25 -8.83
C GLY A 634 -24.78 29.21 -8.87
N ASP A 635 -25.35 28.38 -9.76
CA ASP A 635 -26.78 28.28 -9.97
C ASP A 635 -27.34 26.95 -9.48
N VAL A 636 -27.86 26.95 -8.25
CA VAL A 636 -28.46 25.76 -7.65
C VAL A 636 -29.83 25.46 -8.26
N GLU A 637 -30.60 26.50 -8.59
CA GLU A 637 -31.92 26.32 -9.21
C GLU A 637 -31.80 25.76 -10.64
N GLU A 638 -30.67 25.98 -11.31
CA GLU A 638 -30.44 25.43 -12.64
C GLU A 638 -30.15 23.94 -12.51
N ALA A 639 -29.39 23.55 -11.48
CA ALA A 639 -29.07 22.15 -11.22
C ALA A 639 -30.33 21.34 -10.97
N VAL A 640 -31.36 21.94 -10.32
CA VAL A 640 -32.59 21.19 -10.08
C VAL A 640 -33.38 21.02 -11.38
N ARG A 641 -33.39 22.06 -12.24
CA ARG A 641 -34.08 22.01 -13.54
C ARG A 641 -33.46 20.95 -14.43
N ILE A 642 -32.12 20.78 -14.39
CA ILE A 642 -31.43 19.76 -15.16
C ILE A 642 -31.93 18.37 -14.80
N VAL A 643 -32.10 18.10 -13.50
CA VAL A 643 -32.59 16.81 -13.03
C VAL A 643 -34.03 16.60 -13.45
N LYS A 644 -34.86 17.64 -13.34
CA LYS A 644 -36.26 17.57 -13.78
C LYS A 644 -36.33 17.30 -15.28
N GLU A 645 -35.44 17.92 -16.06
CA GLU A 645 -35.36 17.75 -17.50
C GLU A 645 -34.95 16.33 -17.85
N VAL A 646 -33.94 15.79 -17.16
CA VAL A 646 -33.46 14.42 -17.40
C VAL A 646 -34.52 13.37 -17.07
N THR A 647 -35.21 13.53 -15.92
CA THR A 647 -36.27 12.60 -15.52
C THR A 647 -37.46 12.66 -16.48
N GLU A 648 -37.75 13.84 -17.05
CA GLU A 648 -38.83 14.02 -18.00
C GLU A 648 -38.46 13.34 -19.32
N LYS A 649 -37.20 13.48 -19.76
CA LYS A 649 -36.75 12.85 -21.00
C LYS A 649 -36.76 11.33 -20.87
N LEU A 650 -36.39 10.81 -19.70
CA LEU A 650 -36.39 9.38 -19.44
C LEU A 650 -37.82 8.83 -19.47
N SER A 651 -38.77 9.56 -18.85
CA SER A 651 -40.16 9.14 -18.80
C SER A 651 -40.84 9.16 -20.16
N LYS A 652 -40.41 10.08 -21.03
CA LYS A 652 -40.96 10.19 -22.38
C LYS A 652 -40.14 9.40 -23.42
N TYR A 653 -39.17 8.58 -22.97
CA TYR A 653 -38.34 7.72 -23.80
C TYR A 653 -37.57 8.47 -24.89
N GLU A 654 -37.04 9.65 -24.54
CA GLU A 654 -36.26 10.44 -25.49
C GLU A 654 -34.74 10.27 -25.31
N VAL A 655 -34.31 9.47 -24.32
CA VAL A 655 -32.89 9.23 -24.06
C VAL A 655 -32.41 8.03 -24.86
N PRO A 656 -31.33 8.19 -25.64
CA PRO A 656 -30.78 7.06 -26.40
C PRO A 656 -30.31 5.93 -25.48
N PRO A 657 -30.53 4.68 -25.90
CA PRO A 657 -30.15 3.54 -25.05
C PRO A 657 -28.67 3.40 -24.73
N GLU A 658 -27.81 4.03 -25.54
CA GLU A 658 -26.36 4.00 -25.36
C GLU A 658 -25.94 4.63 -24.03
N GLN A 659 -26.67 5.67 -23.58
CA GLN A 659 -26.38 6.32 -22.31
C GLN A 659 -26.99 5.60 -21.10
N LEU A 660 -27.55 4.41 -21.29
CA LEU A 660 -28.17 3.64 -20.22
C LEU A 660 -27.43 2.34 -19.90
N VAL A 661 -26.27 2.11 -20.52
CA VAL A 661 -25.51 0.88 -20.30
C VAL A 661 -24.83 0.90 -18.95
N ILE A 662 -24.94 -0.20 -18.20
CA ILE A 662 -24.30 -0.36 -16.91
C ILE A 662 -23.16 -1.35 -17.07
N TYR A 663 -21.97 -0.98 -16.63
CA TYR A 663 -20.79 -1.83 -16.74
C TYR A 663 -20.40 -2.36 -15.37
N GLN A 664 -20.24 -3.69 -15.25
CA GLN A 664 -19.89 -4.29 -13.97
C GLN A 664 -18.91 -5.45 -14.17
N THR A 697 -13.92 -9.97 -16.61
CA THR A 697 -14.87 -9.69 -17.68
C THR A 697 -15.81 -8.57 -17.28
N VAL A 698 -16.00 -7.58 -18.16
CA VAL A 698 -16.92 -6.49 -17.89
C VAL A 698 -18.27 -6.77 -18.56
N ILE A 699 -19.32 -6.90 -17.76
CA ILE A 699 -20.65 -7.15 -18.28
C ILE A 699 -21.34 -5.81 -18.58
N SER A 700 -21.73 -5.59 -19.85
CA SER A 700 -22.40 -4.36 -20.26
C SER A 700 -23.88 -4.66 -20.53
N TYR A 701 -24.75 -4.24 -19.62
CA TYR A 701 -26.19 -4.53 -19.73
C TYR A 701 -27.09 -3.30 -19.64
N ILE A 702 -28.36 -3.47 -20.02
CA ILE A 702 -29.39 -2.44 -19.92
C ILE A 702 -30.63 -3.07 -19.25
N VAL A 703 -31.33 -2.29 -18.41
CA VAL A 703 -32.51 -2.78 -17.70
C VAL A 703 -33.80 -2.53 -18.48
N PRO A 704 -34.58 -3.60 -18.76
CA PRO A 704 -35.82 -3.42 -19.52
C PRO A 704 -37.09 -3.30 -18.66
N LYS A 705 -38.16 -2.78 -19.28
CA LYS A 705 -39.47 -2.62 -18.65
C LYS A 705 -40.11 -3.97 -18.38
N ALA A 714 -31.05 -6.23 -17.27
CA ALA A 714 -31.27 -7.66 -17.40
C ALA A 714 -30.94 -8.23 -18.78
N ILE A 715 -30.55 -7.38 -19.76
CA ILE A 715 -30.22 -7.84 -21.11
C ILE A 715 -28.89 -7.21 -21.54
N PRO A 716 -27.96 -7.97 -22.18
CA PRO A 716 -26.71 -7.34 -22.66
C PRO A 716 -27.03 -6.27 -23.70
N PHE A 717 -26.30 -5.14 -23.67
CA PHE A 717 -26.58 -4.03 -24.56
C PHE A 717 -26.52 -4.37 -26.06
N ASP A 718 -25.68 -5.33 -26.45
CA ASP A 718 -25.58 -5.73 -27.86
C ASP A 718 -26.91 -6.23 -28.41
N GLU A 719 -27.72 -6.88 -27.58
CA GLU A 719 -29.01 -7.44 -27.98
C GLU A 719 -30.20 -6.49 -27.83
N PHE A 720 -29.99 -5.30 -27.27
CA PHE A 720 -31.08 -4.36 -27.06
C PHE A 720 -31.48 -3.65 -28.34
N ASP A 721 -32.79 -3.63 -28.67
CA ASP A 721 -33.26 -2.91 -29.85
C ASP A 721 -34.40 -1.98 -29.48
N PRO A 722 -34.19 -0.65 -29.64
CA PRO A 722 -35.24 0.32 -29.27
C PRO A 722 -36.57 0.15 -29.99
N ALA A 723 -36.53 -0.39 -31.22
CA ALA A 723 -37.75 -0.60 -32.00
C ALA A 723 -38.54 -1.83 -31.54
N LYS A 724 -37.87 -2.79 -30.89
CA LYS A 724 -38.54 -4.00 -30.42
C LYS A 724 -38.73 -4.05 -28.91
N HIS A 725 -37.83 -3.41 -28.16
CA HIS A 725 -37.83 -3.46 -26.71
C HIS A 725 -37.83 -2.10 -26.04
N LYS A 726 -38.30 -2.03 -24.79
CA LYS A 726 -38.35 -0.77 -24.06
C LYS A 726 -37.65 -0.81 -22.72
N TYR A 727 -36.73 0.14 -22.50
CA TYR A 727 -36.01 0.22 -21.24
C TYR A 727 -36.90 0.67 -20.09
N ASP A 728 -36.50 0.36 -18.86
CA ASP A 728 -37.27 0.69 -17.67
C ASP A 728 -37.00 2.13 -17.27
N ALA A 729 -37.85 3.04 -17.72
CA ALA A 729 -37.73 4.46 -17.41
C ALA A 729 -37.76 4.72 -15.89
N GLY A 730 -38.61 4.00 -15.19
CA GLY A 730 -38.73 4.11 -13.74
C GLY A 730 -37.47 3.73 -13.01
N TYR A 731 -36.79 2.68 -13.49
CA TYR A 731 -35.55 2.22 -12.89
C TYR A 731 -34.45 3.27 -13.04
N TYR A 732 -34.27 3.80 -14.25
CA TYR A 732 -33.22 4.78 -14.50
C TYR A 732 -33.46 6.13 -13.83
N ILE A 733 -34.71 6.41 -13.45
CA ILE A 733 -35.04 7.63 -12.75
C ILE A 733 -34.79 7.40 -11.25
N GLU A 734 -35.42 6.36 -10.67
CA GLU A 734 -35.41 6.12 -9.24
C GLU A 734 -34.19 5.41 -8.70
N ASN A 735 -33.52 4.60 -9.51
CA ASN A 735 -32.35 3.85 -9.06
C ASN A 735 -31.02 4.36 -9.61
N GLN A 736 -31.06 5.22 -10.64
CA GLN A 736 -29.84 5.72 -11.24
C GLN A 736 -29.64 7.24 -11.09
N VAL A 737 -30.48 8.06 -11.76
CA VAL A 737 -30.32 9.51 -11.76
C VAL A 737 -30.59 10.16 -10.39
N LEU A 738 -31.77 9.95 -9.80
CA LEU A 738 -32.11 10.55 -8.52
C LEU A 738 -31.17 10.19 -7.37
N PRO A 739 -30.80 8.91 -7.14
CA PRO A 739 -29.89 8.61 -6.02
C PRO A 739 -28.53 9.30 -6.14
N ALA A 740 -28.03 9.45 -7.37
CA ALA A 740 -26.73 10.08 -7.59
C ALA A 740 -26.75 11.59 -7.33
N VAL A 741 -27.88 12.22 -7.60
CA VAL A 741 -27.99 13.66 -7.48
C VAL A 741 -28.59 14.14 -6.16
N GLU A 742 -29.49 13.36 -5.58
CA GLU A 742 -30.20 13.69 -4.35
C GLU A 742 -29.27 14.03 -3.21
N ARG A 743 -28.19 13.24 -3.05
CA ARG A 743 -27.23 13.48 -1.98
C ARG A 743 -26.62 14.88 -2.05
N ILE A 744 -26.44 15.39 -3.27
CA ILE A 744 -25.89 16.72 -3.52
C ILE A 744 -26.91 17.80 -3.27
N LEU A 745 -28.11 17.70 -3.88
CA LEU A 745 -29.14 18.72 -3.71
C LEU A 745 -29.87 18.71 -2.37
N ARG A 746 -29.61 17.69 -1.53
CA ARG A 746 -30.19 17.62 -0.20
C ARG A 746 -29.60 18.73 0.69
N ALA A 747 -28.33 19.10 0.47
CA ALA A 747 -27.64 20.16 1.19
C ALA A 747 -28.28 21.54 0.98
N PHE A 748 -29.03 21.71 -0.11
CA PHE A 748 -29.70 22.98 -0.39
C PHE A 748 -31.18 23.01 0.03
N GLY A 749 -31.69 21.89 0.57
CA GLY A 749 -33.05 21.81 1.06
C GLY A 749 -34.05 21.16 0.12
N TYR A 750 -33.57 20.50 -0.94
CA TYR A 750 -34.46 19.84 -1.90
C TYR A 750 -34.66 18.38 -1.56
N ARG A 751 -35.91 17.90 -1.52
CA ARG A 751 -36.18 16.48 -1.31
C ARG A 751 -36.15 15.76 -2.68
N LYS A 752 -36.33 14.42 -2.71
CA LYS A 752 -36.32 13.68 -3.99
C LYS A 752 -37.46 14.14 -4.88
N GLU A 753 -38.62 14.46 -4.30
CA GLU A 753 -39.81 14.92 -5.03
C GLU A 753 -39.61 16.28 -5.71
N ASP A 754 -38.71 17.10 -5.16
CA ASP A 754 -38.41 18.39 -5.74
C ASP A 754 -37.57 18.30 -7.04
N LEU A 755 -37.23 17.09 -7.50
CA LEU A 755 -36.40 16.91 -8.68
C LEU A 755 -37.04 16.06 -9.78
N ARG A 756 -38.20 15.47 -9.52
CA ARG A 756 -38.89 14.68 -10.52
C ARG A 756 -39.68 15.61 -11.44
N TYR A 757 -39.94 15.14 -12.65
CA TYR A 757 -40.70 15.88 -13.66
C TYR A 757 -42.08 16.28 -13.13
N GLN A 758 -42.47 17.53 -13.36
CA GLN A 758 -43.76 18.01 -12.88
C GLN A 758 -44.87 17.41 -13.72
N LYS A 759 -45.37 16.22 -13.34
CA LYS A 759 -46.48 15.60 -14.05
C LYS A 759 -47.72 16.41 -13.70
N THR A 760 -48.25 17.19 -14.66
CA THR A 760 -49.39 18.07 -14.37
C THR A 760 -50.69 17.30 -14.21
N ARG A 761 -51.16 17.23 -12.97
CA ARG A 761 -52.41 16.56 -12.61
C ARG A 761 -53.53 17.60 -12.63
N GLN A 762 -54.40 17.55 -13.65
CA GLN A 762 -55.49 18.51 -13.81
C GLN A 762 -56.72 18.17 -12.95
N VAL A 763 -56.61 18.35 -11.62
CA VAL A 763 -57.70 18.07 -10.69
C VAL A 763 -58.78 19.15 -10.74
#